data_5LUG
#
_entry.id   5LUG
#
_cell.length_a   66.533
_cell.length_b   81.225
_cell.length_c   93.967
_cell.angle_alpha   90.000
_cell.angle_beta   99.860
_cell.angle_gamma   90.000
#
_symmetry.space_group_name_H-M   'P 1 21 1'
#
loop_
_entity.id
_entity.type
_entity.pdbx_description
1 polymer 'Spindlin-like protein 2, isoform CRA_a'
2 polymer ALA-ARG-THR-M3L-GLN-THR-ALA-2MR-LYS-SER
3 non-polymer 1,2-ETHANEDIOL
4 non-polymer 'N3, N4-DIMETHYLARGININE'
5 water water
#
loop_
_entity_poly.entity_id
_entity_poly.type
_entity_poly.pdbx_seq_one_letter_code
_entity_poly.pdbx_strand_id
1 'polypeptide(L)'
;MPRRNIVGCRISHGWKEGDEPITQWKGTVLDQVPINPSLYLVKYDGIDCVYGLELHRDERVLSLKILSDRVASSHISDAN
LANTIIGKAVEHMFEGEHGSKDEWRGMVLAQAPIMKAWFYITYEKDPVLYMYQLLDDYKEGDLRIMPESSESPPTEREPG
GVVDGLIGKHVEYTKEDGSKRIGMVIHQVEAKPSVYFIKFDDDFHIYVYDLVKKSAENLYFQ
;
A,B,C,D
2 'polypeptide(L)' ART(M3L)QTA(2MR)KS F,G,H,E
#
loop_
_chem_comp.id
_chem_comp.type
_chem_comp.name
_chem_comp.formula
EDO non-polymer 1,2-ETHANEDIOL 'C2 H6 O2'
#
# COMPACT_ATOMS: atom_id res chain seq x y z
N PRO A 2 -14.15 -34.54 -3.48
CA PRO A 2 -13.94 -33.19 -2.93
C PRO A 2 -15.19 -32.30 -3.05
N ARG A 3 -15.15 -31.16 -2.40
CA ARG A 3 -16.19 -30.15 -2.58
C ARG A 3 -15.56 -28.77 -2.66
N ARG A 4 -16.23 -27.86 -3.36
CA ARG A 4 -15.69 -26.50 -3.53
C ARG A 4 -15.70 -25.74 -2.22
N ASN A 5 -14.66 -24.94 -2.01
CA ASN A 5 -14.67 -24.00 -0.89
C ASN A 5 -15.85 -23.02 -1.01
N ILE A 6 -16.42 -22.66 0.13
CA ILE A 6 -17.46 -21.64 0.14
C ILE A 6 -17.10 -20.55 1.14
N VAL A 7 -16.02 -20.75 1.91
CA VAL A 7 -15.64 -19.70 2.88
C VAL A 7 -15.22 -18.44 2.12
N GLY A 8 -15.75 -17.30 2.53
CA GLY A 8 -15.46 -16.06 1.86
C GLY A 8 -16.33 -15.82 0.64
N CYS A 9 -17.23 -16.75 0.34
CA CYS A 9 -18.17 -16.58 -0.75
C CYS A 9 -19.52 -16.03 -0.30
N ARG A 10 -20.19 -15.33 -1.22
CA ARG A 10 -21.62 -15.01 -1.05
C ARG A 10 -22.40 -16.26 -1.39
N ILE A 11 -23.46 -16.52 -0.64
CA ILE A 11 -24.27 -17.71 -0.88
C ILE A 11 -25.75 -17.41 -0.89
N SER A 12 -26.50 -18.32 -1.50
CA SER A 12 -27.95 -18.21 -1.40
C SER A 12 -28.53 -19.59 -1.26
N HIS A 13 -29.63 -19.69 -0.50
CA HIS A 13 -30.33 -20.95 -0.37
C HIS A 13 -31.73 -20.73 0.17
N GLY A 14 -32.62 -21.66 -0.12
CA GLY A 14 -33.94 -21.64 0.48
C GLY A 14 -33.84 -22.11 1.91
N TRP A 15 -34.90 -21.87 2.68
CA TRP A 15 -34.94 -22.27 4.09
C TRP A 15 -36.33 -22.80 4.45
N LYS A 16 -36.39 -24.07 4.79
CA LYS A 16 -37.64 -24.71 5.17
C LYS A 16 -37.53 -25.27 6.59
N GLU A 17 -38.20 -24.60 7.53
CA GLU A 17 -38.25 -25.05 8.91
C GLU A 17 -39.67 -25.15 9.44
N GLY A 18 -40.02 -26.32 9.97
CA GLY A 18 -41.36 -26.53 10.51
C GLY A 18 -42.41 -26.10 9.52
N ASP A 19 -43.33 -25.26 9.99
CA ASP A 19 -44.39 -24.72 9.14
C ASP A 19 -44.14 -23.25 8.86
N GLU A 20 -42.92 -22.78 9.07
CA GLU A 20 -42.59 -21.38 8.82
C GLU A 20 -42.60 -21.15 7.32
N PRO A 21 -42.91 -19.91 6.89
CA PRO A 21 -42.91 -19.62 5.45
C PRO A 21 -41.57 -19.93 4.83
N ILE A 22 -41.59 -20.59 3.68
CA ILE A 22 -40.33 -20.98 3.03
C ILE A 22 -39.78 -19.79 2.26
N THR A 23 -38.58 -19.36 2.60
CA THR A 23 -37.99 -18.17 2.02
C THR A 23 -36.61 -18.39 1.42
N GLN A 24 -36.17 -17.43 0.61
CA GLN A 24 -34.85 -17.52 0.02
C GLN A 24 -33.94 -16.59 0.80
N TRP A 25 -32.82 -17.13 1.28
CA TRP A 25 -31.84 -16.38 2.08
C TRP A 25 -30.58 -16.07 1.29
N LYS A 26 -29.97 -14.94 1.58
CA LYS A 26 -28.67 -14.59 1.00
C LYS A 26 -27.69 -14.22 2.10
N GLY A 27 -26.43 -14.60 1.97
CA GLY A 27 -25.49 -14.24 3.00
C GLY A 27 -24.06 -14.46 2.59
N THR A 28 -23.17 -14.34 3.58
CA THR A 28 -21.74 -14.50 3.37
C THR A 28 -21.15 -15.53 4.33
N VAL A 29 -20.39 -16.50 3.81
CA VAL A 29 -19.80 -17.50 4.71
C VAL A 29 -18.51 -16.94 5.30
N LEU A 30 -18.46 -16.89 6.63
CA LEU A 30 -17.35 -16.28 7.35
C LEU A 30 -16.22 -17.25 7.68
N ASP A 31 -16.57 -18.51 7.90
CA ASP A 31 -15.69 -19.41 8.65
C ASP A 31 -16.14 -20.85 8.45
N GLN A 32 -15.18 -21.73 8.20
CA GLN A 32 -15.41 -23.17 8.30
C GLN A 32 -14.66 -23.56 9.53
N VAL A 33 -15.40 -24.00 10.55
CA VAL A 33 -14.82 -24.22 11.87
C VAL A 33 -13.81 -25.34 11.82
N PRO A 34 -12.53 -25.03 12.11
CA PRO A 34 -11.49 -26.05 11.95
C PRO A 34 -11.75 -27.32 12.78
N ILE A 35 -12.23 -27.16 14.01
CA ILE A 35 -12.43 -28.33 14.87
C ILE A 35 -13.68 -29.14 14.52
N ASN A 36 -14.58 -28.58 13.70
CA ASN A 36 -15.77 -29.30 13.24
C ASN A 36 -16.15 -28.74 11.86
N PRO A 37 -15.47 -29.24 10.81
CA PRO A 37 -15.52 -28.61 9.48
C PRO A 37 -16.87 -28.75 8.75
N SER A 38 -17.79 -29.55 9.29
CA SER A 38 -19.15 -29.56 8.79
CA SER A 38 -19.15 -29.56 8.78
C SER A 38 -19.88 -28.28 9.17
N LEU A 39 -19.33 -27.56 10.15
CA LEU A 39 -19.99 -26.35 10.67
C LEU A 39 -19.45 -25.09 10.04
N TYR A 40 -20.33 -24.25 9.48
CA TYR A 40 -19.94 -22.97 8.91
C TYR A 40 -20.62 -21.83 9.66
N LEU A 41 -19.91 -20.73 9.82
CA LEU A 41 -20.50 -19.51 10.37
C LEU A 41 -20.85 -18.58 9.21
N VAL A 42 -22.07 -18.04 9.27
CA VAL A 42 -22.61 -17.28 8.17
C VAL A 42 -23.18 -15.99 8.70
N LYS A 43 -22.93 -14.90 7.97
CA LYS A 43 -23.61 -13.63 8.21
C LYS A 43 -24.68 -13.46 7.14
N TYR A 44 -25.94 -13.53 7.52
CA TYR A 44 -26.99 -13.35 6.51
C TYR A 44 -27.33 -11.88 6.32
N ASP A 45 -27.63 -11.50 5.08
CA ASP A 45 -28.01 -10.12 4.75
C ASP A 45 -29.18 -9.67 5.62
N GLY A 46 -29.00 -8.54 6.30
CA GLY A 46 -30.08 -7.94 7.08
C GLY A 46 -30.41 -8.64 8.39
N ILE A 47 -29.61 -9.63 8.78
CA ILE A 47 -29.82 -10.36 10.02
C ILE A 47 -28.61 -10.18 10.93
N ASP A 48 -28.83 -9.63 12.12
CA ASP A 48 -27.73 -9.24 12.99
C ASP A 48 -26.94 -10.38 13.65
N CYS A 49 -27.62 -11.47 14.02
CA CYS A 49 -26.92 -12.54 14.73
C CYS A 49 -26.23 -13.48 13.75
N VAL A 50 -25.03 -13.93 14.11
CA VAL A 50 -24.30 -14.89 13.27
C VAL A 50 -24.96 -16.26 13.37
N TYR A 51 -25.04 -16.96 12.23
CA TYR A 51 -25.57 -18.31 12.20
C TYR A 51 -24.46 -19.34 12.13
N GLY A 52 -24.57 -20.40 12.92
CA GLY A 52 -23.74 -21.59 12.74
C GLY A 52 -24.61 -22.69 12.15
N LEU A 53 -24.29 -23.11 10.92
CA LEU A 53 -25.09 -24.12 10.24
C LEU A 53 -24.20 -25.18 9.58
N GLU A 54 -24.63 -26.43 9.61
CA GLU A 54 -23.97 -27.45 8.80
C GLU A 54 -24.58 -27.37 7.41
N LEU A 55 -24.06 -26.44 6.62
CA LEU A 55 -24.71 -26.06 5.36
C LEU A 55 -24.90 -27.22 4.38
N HIS A 56 -24.02 -28.22 4.44
CA HIS A 56 -24.13 -29.32 3.48
C HIS A 56 -24.91 -30.52 4.03
N ARG A 57 -25.33 -30.44 5.30
CA ARG A 57 -26.02 -31.56 5.93
C ARG A 57 -27.43 -31.23 6.44
N ASP A 58 -27.64 -29.95 6.75
CA ASP A 58 -28.88 -29.49 7.36
C ASP A 58 -30.02 -29.55 6.36
N GLU A 59 -31.06 -30.31 6.67
CA GLU A 59 -32.18 -30.50 5.75
C GLU A 59 -33.00 -29.23 5.54
N ARG A 60 -32.85 -28.24 6.41
CA ARG A 60 -33.56 -26.96 6.22
C ARG A 60 -32.97 -26.12 5.09
N VAL A 61 -31.71 -26.41 4.72
CA VAL A 61 -31.03 -25.65 3.67
C VAL A 61 -31.45 -26.18 2.30
N LEU A 62 -31.99 -25.31 1.44
CA LEU A 62 -32.47 -25.76 0.14
C LEU A 62 -31.57 -25.25 -0.99
N SER A 63 -30.88 -26.17 -1.65
CA SER A 63 -30.12 -25.85 -2.86
C SER A 63 -29.08 -24.75 -2.67
N LEU A 64 -28.06 -25.00 -1.83
CA LEU A 64 -27.00 -24.01 -1.64
C LEU A 64 -26.33 -23.59 -2.96
N LYS A 65 -26.26 -22.29 -3.19
CA LYS A 65 -25.61 -21.74 -4.38
C LYS A 65 -24.55 -20.74 -4.00
N ILE A 66 -23.44 -20.73 -4.74
CA ILE A 66 -22.48 -19.63 -4.63
C ILE A 66 -22.92 -18.46 -5.52
N LEU A 67 -23.02 -17.27 -4.94
CA LEU A 67 -23.40 -16.07 -5.67
C LEU A 67 -22.19 -15.29 -6.18
N SER A 68 -22.44 -14.35 -7.09
CA SER A 68 -21.41 -13.42 -7.54
C SER A 68 -22.04 -12.05 -7.76
N ASP A 69 -22.87 -11.64 -6.80
CA ASP A 69 -23.62 -10.39 -6.89
C ASP A 69 -22.87 -9.16 -6.36
N ARG A 70 -21.97 -9.38 -5.41
CA ARG A 70 -21.18 -8.30 -4.78
C ARG A 70 -19.91 -8.87 -4.23
N VAL A 71 -18.90 -8.02 -4.05
CA VAL A 71 -17.67 -8.46 -3.39
C VAL A 71 -18.06 -8.85 -1.96
N ALA A 72 -17.50 -9.95 -1.47
CA ALA A 72 -17.90 -10.49 -0.17
C ALA A 72 -17.17 -9.80 0.95
N SER A 73 -15.87 -9.59 0.74
CA SER A 73 -14.99 -9.09 1.78
C SER A 73 -15.03 -7.57 1.97
N SER A 74 -14.55 -7.12 3.13
CA SER A 74 -14.36 -5.69 3.38
C SER A 74 -13.15 -5.53 4.29
N HIS A 75 -12.65 -4.31 4.45
CA HIS A 75 -11.52 -4.08 5.37
C HIS A 75 -11.76 -2.84 6.22
N ILE A 76 -11.02 -2.74 7.32
CA ILE A 76 -11.26 -1.68 8.26
C ILE A 76 -10.57 -0.38 7.81
N SER A 77 -11.25 0.73 8.01
CA SER A 77 -10.73 2.04 7.64
C SER A 77 -9.51 2.41 8.49
N ASP A 78 -9.70 2.33 9.79
CA ASP A 78 -8.70 2.74 10.77
C ASP A 78 -8.43 1.57 11.72
N ALA A 79 -7.38 0.80 11.47
CA ALA A 79 -7.08 -0.35 12.31
C ALA A 79 -6.70 0.06 13.72
N ASN A 80 -6.08 1.22 13.85
CA ASN A 80 -5.74 1.71 15.18
C ASN A 80 -7.02 2.00 15.97
N LEU A 81 -8.00 2.60 15.32
CA LEU A 81 -9.28 2.85 15.97
C LEU A 81 -9.99 1.54 16.30
N ALA A 82 -9.95 0.58 15.37
CA ALA A 82 -10.50 -0.74 15.64
C ALA A 82 -9.85 -1.37 16.88
N ASN A 83 -8.54 -1.20 17.02
CA ASN A 83 -7.86 -1.79 18.17
C ASN A 83 -8.21 -1.13 19.50
N THR A 84 -8.74 0.09 19.46
CA THR A 84 -9.14 0.73 20.71
C THR A 84 -10.46 0.15 21.22
N ILE A 85 -11.27 -0.46 20.35
CA ILE A 85 -12.52 -1.03 20.84
C ILE A 85 -12.50 -2.55 20.96
N ILE A 86 -11.63 -3.22 20.23
CA ILE A 86 -11.56 -4.68 20.35
C ILE A 86 -11.07 -5.10 21.73
N GLY A 87 -11.81 -6.01 22.37
CA GLY A 87 -11.49 -6.46 23.70
C GLY A 87 -12.09 -5.63 24.83
N LYS A 88 -12.80 -4.57 24.47
CA LYS A 88 -13.35 -3.64 25.48
C LYS A 88 -14.81 -3.94 25.84
N ALA A 89 -15.15 -3.79 27.12
CA ALA A 89 -16.55 -3.71 27.53
C ALA A 89 -17.10 -2.39 27.03
N VAL A 90 -18.34 -2.40 26.53
CA VAL A 90 -18.95 -1.22 25.91
C VAL A 90 -20.40 -1.07 26.31
N GLU A 91 -20.91 0.16 26.15
CA GLU A 91 -22.35 0.39 26.10
C GLU A 91 -22.67 0.57 24.62
N HIS A 92 -23.50 -0.31 24.08
CA HIS A 92 -23.88 -0.23 22.68
C HIS A 92 -25.33 0.26 22.64
N MET A 93 -25.54 1.41 22.03
CA MET A 93 -26.88 2.04 22.04
C MET A 93 -27.79 1.46 20.97
N PHE A 94 -29.02 1.13 21.36
CA PHE A 94 -30.08 0.81 20.40
C PHE A 94 -31.29 1.66 20.75
N GLU A 95 -32.21 1.81 19.80
CA GLU A 95 -33.40 2.60 20.04
C GLU A 95 -34.26 1.85 21.07
N GLY A 96 -34.93 2.56 21.96
CA GLY A 96 -35.76 1.86 22.94
C GLY A 96 -37.12 1.52 22.39
N GLU A 97 -37.79 0.57 23.02
CA GLU A 97 -39.11 0.12 22.58
C GLU A 97 -40.15 1.23 22.72
N HIS A 98 -39.90 2.13 23.65
CA HIS A 98 -40.89 3.15 23.97
C HIS A 98 -40.24 4.54 23.98
N GLY A 99 -39.29 4.73 23.08
CA GLY A 99 -38.58 6.00 22.96
C GLY A 99 -37.23 5.95 23.64
N SER A 100 -36.46 7.03 23.50
CA SER A 100 -35.08 7.11 24.01
C SER A 100 -34.25 5.94 23.45
N LYS A 101 -33.05 5.81 24.00
CA LYS A 101 -32.10 4.76 23.61
C LYS A 101 -31.71 3.92 24.82
N ASP A 102 -31.47 2.63 24.62
CA ASP A 102 -31.03 1.73 25.69
C ASP A 102 -29.54 1.43 25.57
N GLU A 103 -28.83 1.53 26.69
CA GLU A 103 -27.44 1.08 26.72
C GLU A 103 -27.43 -0.42 26.86
N TRP A 104 -26.97 -1.13 25.82
CA TRP A 104 -26.84 -2.57 25.94
C TRP A 104 -25.40 -2.87 26.27
N ARG A 105 -25.16 -3.42 27.46
CA ARG A 105 -23.83 -3.74 27.91
C ARG A 105 -23.29 -4.89 27.10
N GLY A 106 -22.07 -4.75 26.61
CA GLY A 106 -21.52 -5.80 25.75
C GLY A 106 -20.03 -5.84 25.77
N MET A 107 -19.48 -6.64 24.88
CA MET A 107 -18.04 -6.77 24.74
CA MET A 107 -18.04 -6.80 24.75
C MET A 107 -17.71 -6.92 23.27
N VAL A 108 -16.84 -6.04 22.77
CA VAL A 108 -16.39 -6.15 21.40
C VAL A 108 -15.31 -7.24 21.35
N LEU A 109 -15.50 -8.24 20.50
CA LEU A 109 -14.69 -9.44 20.59
C LEU A 109 -13.52 -9.49 19.58
N ALA A 110 -13.77 -9.08 18.34
CA ALA A 110 -12.83 -9.22 17.24
C ALA A 110 -13.40 -8.53 16.01
N GLN A 111 -12.55 -8.28 15.02
CA GLN A 111 -13.05 -8.03 13.67
C GLN A 111 -13.49 -9.38 13.14
N ALA A 112 -14.61 -9.40 12.41
CA ALA A 112 -15.08 -10.63 11.81
C ALA A 112 -14.11 -11.08 10.71
N PRO A 113 -14.01 -12.41 10.48
CA PRO A 113 -13.33 -12.92 9.28
C PRO A 113 -14.09 -12.48 8.03
N ILE A 114 -13.38 -12.33 6.90
CA ILE A 114 -13.95 -12.02 5.59
C ILE A 114 -14.55 -10.61 5.54
N MET A 115 -15.56 -10.36 6.36
CA MET A 115 -16.22 -9.06 6.39
C MET A 115 -15.51 -8.19 7.42
N LYS A 116 -14.27 -7.77 7.10
CA LYS A 116 -13.39 -7.19 8.11
C LYS A 116 -13.80 -5.81 8.60
N ALA A 117 -14.75 -5.15 7.92
CA ALA A 117 -15.30 -3.89 8.42
C ALA A 117 -16.32 -4.12 9.53
N TRP A 118 -16.68 -5.37 9.74
CA TRP A 118 -17.67 -5.75 10.75
C TRP A 118 -16.96 -6.32 11.96
N PHE A 119 -17.57 -6.15 13.12
CA PHE A 119 -17.01 -6.62 14.38
C PHE A 119 -17.92 -7.65 14.99
N TYR A 120 -17.31 -8.70 15.55
CA TYR A 120 -17.99 -9.62 16.44
C TYR A 120 -18.26 -8.94 17.76
N ILE A 121 -19.48 -9.01 18.26
CA ILE A 121 -19.81 -8.46 19.57
C ILE A 121 -20.88 -9.32 20.25
N THR A 122 -20.84 -9.40 21.57
CA THR A 122 -21.86 -10.11 22.33
C THR A 122 -22.34 -9.23 23.49
N TYR A 123 -23.41 -9.65 24.16
CA TYR A 123 -24.10 -8.79 25.13
C TYR A 123 -24.41 -9.52 26.44
N GLU A 124 -24.29 -8.81 27.56
CA GLU A 124 -24.58 -9.42 28.86
C GLU A 124 -25.97 -10.01 28.91
N LYS A 125 -26.94 -9.28 28.36
CA LYS A 125 -28.33 -9.74 28.39
C LYS A 125 -28.71 -10.64 27.21
N ASP A 126 -27.78 -10.83 26.28
CA ASP A 126 -28.05 -11.63 25.09
C ASP A 126 -26.74 -12.20 24.61
N PRO A 127 -26.27 -13.25 25.29
CA PRO A 127 -24.89 -13.72 25.12
C PRO A 127 -24.70 -14.60 23.90
N VAL A 128 -25.15 -14.11 22.75
CA VAL A 128 -24.84 -14.78 21.49
C VAL A 128 -24.04 -13.84 20.59
N LEU A 129 -23.59 -14.39 19.47
CA LEU A 129 -22.67 -13.66 18.60
C LEU A 129 -23.40 -12.79 17.61
N TYR A 130 -23.13 -11.48 17.66
CA TYR A 130 -23.66 -10.52 16.71
C TYR A 130 -22.55 -9.88 15.86
N MET A 131 -22.92 -9.31 14.71
CA MET A 131 -21.99 -8.57 13.85
C MET A 131 -22.55 -7.22 13.42
N TYR A 132 -21.79 -6.15 13.66
CA TYR A 132 -22.11 -4.81 13.17
C TYR A 132 -20.86 -4.09 12.68
N GLN A 133 -21.05 -3.12 11.79
CA GLN A 133 -19.99 -2.19 11.42
C GLN A 133 -19.85 -1.16 12.53
N LEU A 134 -19.19 -1.56 13.62
CA LEU A 134 -19.23 -0.78 14.86
C LEU A 134 -18.51 0.55 14.79
N LEU A 135 -17.64 0.77 13.80
CA LEU A 135 -16.98 2.07 13.72
C LEU A 135 -17.99 3.13 13.29
N ASP A 136 -19.05 2.69 12.61
CA ASP A 136 -20.15 3.59 12.27
C ASP A 136 -20.86 4.00 13.56
N ASP A 137 -21.19 3.02 14.39
CA ASP A 137 -21.83 3.33 15.69
C ASP A 137 -20.95 4.28 16.48
N TYR A 138 -19.66 3.98 16.50
CA TYR A 138 -18.70 4.76 17.27
C TYR A 138 -18.67 6.22 16.83
N LYS A 139 -18.61 6.45 15.52
CA LYS A 139 -18.60 7.80 14.98
C LYS A 139 -19.87 8.58 15.35
N GLU A 140 -20.98 7.87 15.48
CA GLU A 140 -22.27 8.53 15.75
C GLU A 140 -22.56 8.72 17.23
N GLY A 141 -21.65 8.26 18.08
CA GLY A 141 -21.84 8.37 19.51
C GLY A 141 -22.63 7.22 20.11
N ASP A 142 -22.85 6.16 19.34
CA ASP A 142 -23.66 5.03 19.77
C ASP A 142 -22.84 3.88 20.37
N LEU A 143 -21.56 4.09 20.58
CA LEU A 143 -20.72 3.05 21.18
C LEU A 143 -19.74 3.66 22.16
N ARG A 144 -19.92 3.36 23.43
CA ARG A 144 -19.10 3.97 24.48
C ARG A 144 -18.28 2.93 25.21
N ILE A 145 -16.99 3.18 25.37
CA ILE A 145 -16.09 2.29 26.10
C ILE A 145 -16.29 2.46 27.60
N MET A 146 -16.42 1.34 28.32
CA MET A 146 -16.52 1.37 29.78
C MET A 146 -15.12 1.62 30.36
N PRO A 147 -15.03 2.52 31.35
CA PRO A 147 -13.75 2.79 32.02
C PRO A 147 -13.28 1.62 32.88
N GLY A 161 -9.26 -16.73 33.93
CA GLY A 161 -10.16 -17.80 33.56
C GLY A 161 -9.81 -18.41 32.20
N VAL A 162 -8.59 -18.14 31.75
CA VAL A 162 -8.11 -18.75 30.51
C VAL A 162 -7.83 -20.23 30.74
N VAL A 163 -8.35 -21.07 29.85
CA VAL A 163 -8.07 -22.49 29.94
C VAL A 163 -7.50 -23.00 28.60
N ASP A 164 -6.30 -23.54 28.62
CA ASP A 164 -5.70 -24.15 27.43
C ASP A 164 -6.43 -25.42 27.00
N GLY A 165 -6.44 -25.69 25.69
CA GLY A 165 -6.90 -26.97 25.16
C GLY A 165 -8.39 -27.21 25.13
N LEU A 166 -9.16 -26.13 25.14
CA LEU A 166 -10.60 -26.25 25.21
C LEU A 166 -11.27 -26.45 23.85
N ILE A 167 -10.59 -26.11 22.76
CA ILE A 167 -11.23 -26.14 21.45
C ILE A 167 -11.62 -27.58 21.10
N GLY A 168 -12.91 -27.78 20.82
CA GLY A 168 -13.41 -29.11 20.50
C GLY A 168 -14.01 -29.84 21.69
N LYS A 169 -13.84 -29.30 22.89
CA LYS A 169 -14.37 -29.94 24.09
C LYS A 169 -15.88 -29.90 24.12
N HIS A 170 -16.48 -31.01 24.57
CA HIS A 170 -17.93 -31.04 24.73
C HIS A 170 -18.33 -30.37 26.03
N VAL A 171 -19.45 -29.67 25.99
CA VAL A 171 -19.88 -28.88 27.12
C VAL A 171 -21.37 -29.10 27.30
N GLU A 172 -21.87 -28.97 28.52
CA GLU A 172 -23.31 -29.00 28.70
C GLU A 172 -23.69 -27.84 29.59
N TYR A 173 -24.90 -27.35 29.38
CA TYR A 173 -25.41 -26.18 30.07
C TYR A 173 -26.70 -26.57 30.74
N THR A 174 -26.86 -26.14 31.99
CA THR A 174 -28.03 -26.52 32.77
C THR A 174 -29.27 -25.71 32.40
N LYS A 175 -30.31 -26.42 31.94
CA LYS A 175 -31.57 -25.77 31.60
C LYS A 175 -32.45 -25.59 32.83
N GLU A 176 -33.33 -24.60 32.77
CA GLU A 176 -34.29 -24.36 33.85
C GLU A 176 -35.26 -25.53 33.94
N ASP A 177 -35.41 -26.25 32.82
CA ASP A 177 -36.28 -27.41 32.76
C ASP A 177 -35.63 -28.64 33.41
N GLY A 178 -34.34 -28.52 33.72
CA GLY A 178 -33.62 -29.53 34.49
C GLY A 178 -32.66 -30.46 33.76
N SER A 179 -32.82 -30.62 32.46
CA SER A 179 -31.95 -31.49 31.69
C SER A 179 -30.89 -30.64 30.99
N LYS A 180 -29.91 -31.29 30.37
CA LYS A 180 -28.73 -30.61 29.86
C LYS A 180 -28.81 -30.20 28.39
N ARG A 181 -28.34 -28.98 28.12
CA ARG A 181 -28.14 -28.49 26.76
C ARG A 181 -26.73 -28.85 26.31
N ILE A 182 -26.60 -29.52 25.18
CA ILE A 182 -25.32 -30.12 24.78
C ILE A 182 -24.65 -29.36 23.63
N GLY A 183 -23.35 -29.13 23.75
CA GLY A 183 -22.66 -28.36 22.73
C GLY A 183 -21.17 -28.62 22.67
N MET A 184 -20.49 -27.77 21.92
CA MET A 184 -19.05 -27.89 21.71
C MET A 184 -18.38 -26.53 21.69
N VAL A 185 -17.21 -26.44 22.28
CA VAL A 185 -16.39 -25.24 22.19
C VAL A 185 -15.74 -25.19 20.80
N ILE A 186 -15.99 -24.12 20.04
CA ILE A 186 -15.46 -24.06 18.68
C ILE A 186 -14.39 -22.99 18.44
N HIS A 187 -14.25 -22.03 19.36
CA HIS A 187 -13.26 -20.97 19.17
C HIS A 187 -12.93 -20.32 20.49
N GLN A 188 -11.71 -19.81 20.55
CA GLN A 188 -11.25 -18.99 21.67
C GLN A 188 -10.95 -17.58 21.15
N VAL A 189 -11.38 -16.55 21.87
CA VAL A 189 -11.23 -15.18 21.39
C VAL A 189 -9.81 -14.67 21.67
N GLU A 190 -9.11 -14.21 20.63
CA GLU A 190 -7.71 -13.84 20.80
C GLU A 190 -7.53 -12.70 21.79
N ALA A 191 -8.35 -11.67 21.64
CA ALA A 191 -8.21 -10.45 22.44
C ALA A 191 -8.64 -10.64 23.90
N LYS A 192 -9.38 -11.69 24.18
CA LYS A 192 -9.85 -12.00 25.53
C LYS A 192 -9.94 -13.51 25.65
N PRO A 193 -8.81 -14.16 25.95
CA PRO A 193 -8.70 -15.61 25.84
C PRO A 193 -9.46 -16.40 26.91
N SER A 194 -10.15 -15.71 27.83
CA SER A 194 -11.07 -16.40 28.74
C SER A 194 -12.46 -16.51 28.12
N VAL A 195 -12.63 -15.94 26.92
CA VAL A 195 -13.90 -15.94 26.23
C VAL A 195 -13.90 -16.96 25.09
N TYR A 196 -14.95 -17.79 25.04
CA TYR A 196 -15.04 -18.85 24.03
C TYR A 196 -16.37 -18.79 23.30
N PHE A 197 -16.38 -19.29 22.07
CA PHE A 197 -17.60 -19.52 21.31
C PHE A 197 -18.06 -20.96 21.51
N ILE A 198 -19.35 -21.14 21.76
CA ILE A 198 -19.93 -22.46 21.90
C ILE A 198 -21.06 -22.66 20.89
N LYS A 199 -21.06 -23.80 20.22
CA LYS A 199 -22.20 -24.18 19.38
C LYS A 199 -22.98 -25.29 20.07
N PHE A 200 -24.27 -25.04 20.36
CA PHE A 200 -25.15 -26.06 20.93
C PHE A 200 -25.89 -26.83 19.83
N ASP A 201 -26.16 -28.10 20.07
CA ASP A 201 -26.78 -28.96 19.07
C ASP A 201 -28.16 -28.47 18.62
N ASP A 202 -28.88 -27.83 19.53
CA ASP A 202 -30.28 -27.54 19.25
C ASP A 202 -30.55 -26.15 18.65
N ASP A 203 -29.50 -25.41 18.31
CA ASP A 203 -29.70 -24.02 17.90
C ASP A 203 -28.60 -23.51 16.97
N PHE A 204 -28.95 -22.52 16.16
CA PHE A 204 -28.03 -21.98 15.18
C PHE A 204 -27.20 -20.82 15.73
N HIS A 205 -27.56 -20.28 16.90
CA HIS A 205 -26.79 -19.16 17.43
C HIS A 205 -25.41 -19.63 17.84
N ILE A 206 -24.45 -18.70 17.86
CA ILE A 206 -23.14 -18.98 18.46
C ILE A 206 -23.15 -18.32 19.82
N TYR A 207 -23.02 -19.11 20.87
CA TYR A 207 -23.08 -18.62 22.24
C TYR A 207 -21.68 -18.22 22.70
N VAL A 208 -21.61 -17.13 23.45
CA VAL A 208 -20.32 -16.60 23.87
C VAL A 208 -20.25 -16.60 25.40
N TYR A 209 -19.23 -17.26 25.96
CA TYR A 209 -19.10 -17.38 27.41
C TYR A 209 -17.74 -16.88 27.86
N ASP A 210 -17.72 -16.12 28.95
CA ASP A 210 -16.47 -15.64 29.54
C ASP A 210 -16.25 -16.44 30.82
N LEU A 211 -15.22 -17.28 30.84
CA LEU A 211 -15.08 -18.24 31.94
C LEU A 211 -14.66 -17.57 33.24
N VAL A 212 -14.28 -16.29 33.17
CA VAL A 212 -13.96 -15.55 34.38
C VAL A 212 -15.23 -15.07 35.10
N LYS A 213 -16.37 -15.08 34.39
CA LYS A 213 -17.62 -14.54 34.91
C LYS A 213 -18.54 -15.58 35.57
N LYS A 214 -19.36 -15.15 36.54
CA LYS A 214 -20.25 -16.05 37.23
C LYS A 214 -21.29 -16.60 36.24
N SER A 215 -21.57 -15.83 35.19
CA SER A 215 -22.51 -16.26 34.16
C SER A 215 -22.03 -17.50 33.39
N ALA A 216 -20.85 -18.02 33.74
CA ALA A 216 -20.31 -19.22 33.09
C ALA A 216 -20.27 -20.42 34.06
N GLU A 217 -20.60 -20.20 35.34
CA GLU A 217 -20.51 -21.26 36.35
C GLU A 217 -21.44 -22.42 35.98
N ASN A 218 -22.41 -22.12 35.14
CA ASN A 218 -23.40 -23.05 34.66
C ASN A 218 -22.90 -23.96 33.53
N LEU A 219 -21.68 -23.72 33.06
CA LEU A 219 -21.08 -24.55 32.00
C LEU A 219 -20.31 -25.73 32.57
N TYR A 220 -20.64 -26.93 32.11
CA TYR A 220 -19.95 -28.10 32.59
C TYR A 220 -19.16 -28.73 31.44
N PHE A 221 -17.86 -28.95 31.65
CA PHE A 221 -17.01 -29.52 30.60
C PHE A 221 -16.78 -31.02 30.80
N PRO B 2 0.94 0.30 -31.33
CA PRO B 2 1.18 1.63 -30.74
C PRO B 2 -0.07 2.50 -30.81
N ARG B 3 -0.03 3.65 -30.16
CA ARG B 3 -1.09 4.64 -30.35
C ARG B 3 -0.47 6.03 -30.47
N ARG B 4 -1.16 6.93 -31.16
CA ARG B 4 -0.65 8.29 -31.36
C ARG B 4 -0.59 9.07 -30.08
N ASN B 5 0.45 9.88 -29.94
CA ASN B 5 0.47 10.83 -28.85
C ASN B 5 -0.69 11.80 -28.95
N ILE B 6 -1.26 12.15 -27.80
CA ILE B 6 -2.29 13.17 -27.77
C ILE B 6 -1.92 14.26 -26.78
N VAL B 7 -0.83 14.09 -26.04
CA VAL B 7 -0.44 15.13 -25.07
C VAL B 7 -0.04 16.40 -25.83
N GLY B 8 -0.57 17.55 -25.42
CA GLY B 8 -0.26 18.79 -26.09
C GLY B 8 -1.14 19.02 -27.31
N CYS B 9 -2.04 18.09 -27.59
CA CYS B 9 -2.99 18.26 -28.69
C CYS B 9 -4.33 18.80 -28.23
N ARG B 10 -5.01 19.49 -29.15
CA ARG B 10 -6.42 19.81 -29.01
C ARG B 10 -7.24 18.54 -29.30
N ILE B 11 -8.29 18.29 -28.54
CA ILE B 11 -9.10 17.11 -28.77
C ILE B 11 -10.58 17.44 -28.76
N SER B 12 -11.36 16.55 -29.35
CA SER B 12 -12.80 16.67 -29.27
C SER B 12 -13.40 15.28 -29.13
N HIS B 13 -14.48 15.18 -28.38
CA HIS B 13 -15.21 13.92 -28.24
C HIS B 13 -16.59 14.15 -27.67
N GLY B 14 -17.51 13.21 -27.93
CA GLY B 14 -18.80 13.23 -27.29
C GLY B 14 -18.68 12.77 -25.86
N TRP B 15 -19.73 13.02 -25.09
CA TRP B 15 -19.77 12.62 -23.69
C TRP B 15 -21.15 12.11 -23.32
N LYS B 16 -21.21 10.83 -22.98
CA LYS B 16 -22.47 10.20 -22.60
C LYS B 16 -22.36 9.63 -21.19
N GLU B 17 -23.02 10.28 -20.24
CA GLU B 17 -23.04 9.79 -18.87
C GLU B 17 -24.45 9.65 -18.36
N GLY B 18 -24.78 8.46 -17.85
CA GLY B 18 -26.11 8.20 -17.34
C GLY B 18 -27.13 8.65 -18.36
N ASP B 19 -28.10 9.43 -17.90
CA ASP B 19 -29.12 9.99 -18.77
C ASP B 19 -28.96 11.50 -18.96
N GLU B 20 -27.75 12.01 -18.70
CA GLU B 20 -27.44 13.42 -18.91
C GLU B 20 -27.46 13.69 -20.41
N PRO B 21 -27.75 14.94 -20.81
CA PRO B 21 -27.75 15.27 -22.25
C PRO B 21 -26.41 14.95 -22.90
N ILE B 22 -26.43 14.32 -24.06
CA ILE B 22 -25.19 13.94 -24.73
C ILE B 22 -24.63 15.11 -25.52
N THR B 23 -23.41 15.54 -25.18
CA THR B 23 -22.82 16.73 -25.78
C THR B 23 -21.45 16.49 -26.40
N GLN B 24 -20.99 17.44 -27.19
CA GLN B 24 -19.66 17.34 -27.80
C GLN B 24 -18.75 18.27 -27.02
N TRP B 25 -17.62 17.73 -26.56
CA TRP B 25 -16.64 18.48 -25.77
C TRP B 25 -15.39 18.79 -26.57
N LYS B 26 -14.77 19.93 -26.29
CA LYS B 26 -13.47 20.27 -26.90
C LYS B 26 -12.50 20.65 -25.80
N GLY B 27 -11.24 20.23 -25.92
CA GLY B 27 -10.28 20.61 -24.90
C GLY B 27 -8.84 20.39 -25.32
N THR B 28 -7.94 20.54 -24.34
CA THR B 28 -6.51 20.38 -24.55
C THR B 28 -5.91 19.37 -23.59
N VAL B 29 -5.16 18.40 -24.13
CA VAL B 29 -4.55 17.39 -23.26
C VAL B 29 -3.25 17.94 -22.67
N LEU B 30 -3.20 17.99 -21.34
CA LEU B 30 -2.09 18.57 -20.60
C LEU B 30 -0.98 17.60 -20.26
N ASP B 31 -1.34 16.35 -20.05
CA ASP B 31 -0.46 15.44 -19.32
C ASP B 31 -0.89 14.01 -19.53
N GLN B 32 0.07 13.14 -19.77
CA GLN B 32 -0.16 11.70 -19.67
C GLN B 32 0.58 11.30 -18.41
N VAL B 33 -0.16 10.86 -17.40
CA VAL B 33 0.44 10.62 -16.09
C VAL B 33 1.46 9.49 -16.14
N PRO B 34 2.73 9.79 -15.86
CA PRO B 34 3.77 8.76 -16.02
C PRO B 34 3.50 7.51 -15.18
N ILE B 35 3.03 7.68 -13.94
CA ILE B 35 2.86 6.52 -13.09
C ILE B 35 1.62 5.71 -13.45
N ASN B 36 0.72 6.27 -14.26
CA ASN B 36 -0.47 5.55 -14.75
C ASN B 36 -0.87 6.11 -16.11
N PRO B 37 -0.22 5.62 -17.18
CA PRO B 37 -0.28 6.23 -18.52
C PRO B 37 -1.64 6.10 -19.22
N SER B 38 -2.55 5.33 -18.64
N SER B 38 -2.56 5.32 -18.66
CA SER B 38 -3.92 5.29 -19.13
CA SER B 38 -3.92 5.31 -19.19
C SER B 38 -4.65 6.57 -18.74
C SER B 38 -4.66 6.58 -18.76
N LEU B 39 -4.09 7.30 -17.79
CA LEU B 39 -4.73 8.51 -17.24
C LEU B 39 -4.19 9.79 -17.90
N TYR B 40 -5.09 10.62 -18.41
CA TYR B 40 -4.72 11.90 -19.00
C TYR B 40 -5.40 13.05 -18.26
N LEU B 41 -4.68 14.17 -18.11
CA LEU B 41 -5.27 15.39 -17.57
C LEU B 41 -5.61 16.31 -18.74
N VAL B 42 -6.82 16.86 -18.70
CA VAL B 42 -7.37 17.63 -19.80
C VAL B 42 -7.95 18.92 -19.26
N LYS B 43 -7.70 20.00 -19.99
CA LYS B 43 -8.36 21.27 -19.76
C LYS B 43 -9.42 21.43 -20.83
N TYR B 44 -10.69 21.35 -20.45
CA TYR B 44 -11.74 21.52 -21.44
C TYR B 44 -12.07 23.01 -21.61
N ASP B 45 -12.38 23.39 -22.84
CA ASP B 45 -12.74 24.77 -23.17
C ASP B 45 -13.91 25.24 -22.30
N GLY B 46 -13.73 26.36 -21.61
CA GLY B 46 -14.80 26.96 -20.84
C GLY B 46 -15.13 26.27 -19.52
N ILE B 47 -14.31 25.30 -19.12
CA ILE B 47 -14.53 24.58 -17.88
C ILE B 47 -13.33 24.76 -16.97
N ASP B 48 -13.54 25.31 -15.77
CA ASP B 48 -12.42 25.69 -14.91
C ASP B 48 -11.64 24.54 -14.26
N CYS B 49 -12.32 23.45 -13.91
CA CYS B 49 -11.63 22.37 -13.23
C CYS B 49 -10.93 21.42 -14.20
N VAL B 50 -9.74 20.98 -13.83
CA VAL B 50 -8.99 20.03 -14.66
C VAL B 50 -9.66 18.66 -14.58
N TYR B 51 -9.75 17.96 -15.71
CA TYR B 51 -10.30 16.62 -15.74
C TYR B 51 -9.20 15.58 -15.79
N GLY B 52 -9.33 14.52 -15.00
CA GLY B 52 -8.51 13.32 -15.15
C GLY B 52 -9.38 12.22 -15.75
N LEU B 53 -9.06 11.80 -16.97
CA LEU B 53 -9.85 10.77 -17.65
C LEU B 53 -8.98 9.71 -18.29
N GLU B 54 -9.43 8.45 -18.24
CA GLU B 54 -8.78 7.42 -19.04
C GLU B 54 -9.40 7.49 -20.43
N LEU B 55 -8.88 8.41 -21.24
CA LEU B 55 -9.53 8.80 -22.49
C LEU B 55 -9.73 7.64 -23.46
N HIS B 56 -8.87 6.63 -23.40
CA HIS B 56 -8.99 5.51 -24.33
C HIS B 56 -9.76 4.31 -23.75
N ARG B 57 -10.19 4.39 -22.50
CA ARG B 57 -10.88 3.27 -21.85
C ARG B 57 -12.27 3.63 -21.35
N ASP B 58 -12.47 4.90 -21.05
CA ASP B 58 -13.70 5.40 -20.45
C ASP B 58 -14.85 5.33 -21.44
N GLU B 59 -15.90 4.57 -21.10
CA GLU B 59 -17.02 4.39 -22.03
C GLU B 59 -17.84 5.66 -22.24
N ARG B 60 -17.70 6.66 -21.38
CA ARG B 60 -18.42 7.92 -21.57
C ARG B 60 -17.83 8.77 -22.71
N VAL B 61 -16.58 8.48 -23.07
CA VAL B 61 -15.90 9.23 -24.13
C VAL B 61 -16.30 8.70 -25.50
N LEU B 62 -16.85 9.56 -26.35
CA LEU B 62 -17.32 9.10 -27.66
C LEU B 62 -16.43 9.62 -28.80
N SER B 63 -15.75 8.69 -29.47
CA SER B 63 -15.01 8.99 -30.70
C SER B 63 -13.97 10.09 -30.52
N LEU B 64 -12.96 9.85 -29.70
CA LEU B 64 -11.89 10.82 -29.51
C LEU B 64 -11.23 11.23 -30.85
N LYS B 65 -11.14 12.53 -31.08
CA LYS B 65 -10.49 13.08 -32.27
C LYS B 65 -9.40 14.09 -31.89
N ILE B 66 -8.30 14.09 -32.62
CA ILE B 66 -7.34 15.18 -32.48
C ILE B 66 -7.76 16.34 -33.38
N LEU B 67 -7.87 17.54 -32.81
CA LEU B 67 -8.26 18.72 -33.57
C LEU B 67 -7.05 19.49 -34.11
N SER B 68 -7.34 20.45 -34.98
CA SER B 68 -6.32 21.37 -35.49
C SER B 68 -6.92 22.77 -35.64
N ASP B 69 -7.73 23.16 -34.67
CA ASP B 69 -8.46 24.43 -34.75
C ASP B 69 -7.62 25.63 -34.31
N ARG B 70 -6.84 25.45 -33.24
CA ARG B 70 -6.04 26.51 -32.68
C ARG B 70 -4.74 25.91 -32.15
N VAL B 71 -3.70 26.72 -32.00
CA VAL B 71 -2.48 26.22 -31.39
C VAL B 71 -2.82 25.89 -29.94
N ALA B 72 -2.30 24.78 -29.43
CA ALA B 72 -2.68 24.29 -28.11
C ALA B 72 -1.92 24.98 -26.99
N SER B 73 -0.62 25.17 -27.20
CA SER B 73 0.27 25.67 -26.16
C SER B 73 0.21 27.18 -25.98
N SER B 74 0.70 27.66 -24.84
CA SER B 74 0.88 29.09 -24.60
C SER B 74 2.13 29.27 -23.77
N HIS B 75 2.59 30.51 -23.59
CA HIS B 75 3.75 30.78 -22.74
C HIS B 75 3.43 31.94 -21.82
N ILE B 76 4.17 32.06 -20.71
CA ILE B 76 3.83 33.06 -19.70
C ILE B 76 4.40 34.43 -20.09
N SER B 77 3.62 35.48 -19.81
CA SER B 77 4.02 36.84 -20.16
C SER B 77 5.24 37.29 -19.35
N ASP B 78 5.17 37.12 -18.04
CA ASP B 78 6.23 37.54 -17.12
C ASP B 78 6.58 36.40 -16.19
N ALA B 79 7.66 35.67 -16.48
CA ALA B 79 8.04 34.52 -15.67
C ALA B 79 8.49 34.92 -14.25
N ASN B 80 9.09 36.09 -14.12
CA ASN B 80 9.47 36.56 -12.79
C ASN B 80 8.22 36.80 -11.93
N LEU B 81 7.21 37.42 -12.53
CA LEU B 81 5.96 37.68 -11.84
C LEU B 81 5.26 36.37 -11.48
N ALA B 82 5.25 35.42 -12.43
CA ALA B 82 4.69 34.11 -12.15
C ALA B 82 5.37 33.46 -10.94
N ASN B 83 6.69 33.63 -10.81
CA ASN B 83 7.38 33.01 -9.69
C ASN B 83 7.07 33.67 -8.36
N THR B 84 6.55 34.89 -8.38
CA THR B 84 6.20 35.54 -7.14
C THR B 84 4.89 34.97 -6.59
N ILE B 85 4.06 34.37 -7.45
CA ILE B 85 2.81 33.82 -6.96
C ILE B 85 2.80 32.30 -6.84
N ILE B 86 3.67 31.61 -7.59
CA ILE B 86 3.71 30.16 -7.49
C ILE B 86 4.18 29.71 -6.11
N GLY B 87 3.43 28.81 -5.50
CA GLY B 87 3.72 28.32 -4.16
C GLY B 87 3.13 29.15 -3.04
N LYS B 88 2.44 30.24 -3.38
CA LYS B 88 1.90 31.16 -2.38
C LYS B 88 0.45 30.89 -2.02
N ALA B 89 0.11 31.03 -0.74
CA ALA B 89 -1.29 31.11 -0.33
C ALA B 89 -1.84 32.43 -0.82
N VAL B 90 -3.08 32.42 -1.33
CA VAL B 90 -3.67 33.60 -1.94
C VAL B 90 -5.13 33.75 -1.56
N GLU B 91 -5.62 34.98 -1.71
CA GLU B 91 -7.06 35.21 -1.78
C GLU B 91 -7.37 35.40 -3.26
N HIS B 92 -8.20 34.53 -3.82
CA HIS B 92 -8.57 34.62 -5.22
C HIS B 92 -10.02 35.13 -5.27
N MET B 93 -10.25 36.28 -5.88
CA MET B 93 -11.58 36.90 -5.87
C MET B 93 -12.50 36.33 -6.93
N PHE B 94 -13.73 35.99 -6.53
CA PHE B 94 -14.78 35.66 -7.48
C PHE B 94 -16.01 36.51 -7.15
N GLU B 95 -16.91 36.65 -8.11
CA GLU B 95 -18.10 37.45 -7.88
C GLU B 95 -18.98 36.73 -6.86
N GLY B 96 -19.66 37.46 -5.97
CA GLY B 96 -20.48 36.74 -5.00
C GLY B 96 -21.85 36.37 -5.55
N GLU B 97 -22.52 35.42 -4.92
CA GLU B 97 -23.83 34.98 -5.39
C GLU B 97 -24.85 36.10 -5.24
N HIS B 98 -24.61 36.99 -4.28
CA HIS B 98 -25.58 38.02 -3.98
C HIS B 98 -24.95 39.40 -3.97
N GLY B 99 -24.00 39.60 -4.87
CA GLY B 99 -23.30 40.88 -4.97
C GLY B 99 -21.94 40.82 -4.30
N SER B 100 -21.17 41.90 -4.44
CA SER B 100 -19.79 41.96 -3.95
C SER B 100 -18.98 40.78 -4.47
N LYS B 101 -17.79 40.64 -3.92
CA LYS B 101 -16.85 39.59 -4.28
C LYS B 101 -16.47 38.75 -3.05
N ASP B 102 -16.24 37.47 -3.26
CA ASP B 102 -15.79 36.54 -2.21
C ASP B 102 -14.31 36.24 -2.31
N GLU B 103 -13.60 36.34 -1.19
CA GLU B 103 -12.20 35.91 -1.16
C GLU B 103 -12.17 34.39 -1.04
N TRP B 104 -11.70 33.69 -2.07
CA TRP B 104 -11.58 32.26 -1.97
C TRP B 104 -10.13 31.95 -1.63
N ARG B 105 -9.93 31.39 -0.44
CA ARG B 105 -8.59 31.06 0.01
C ARG B 105 -8.05 29.90 -0.77
N GLY B 106 -6.82 30.05 -1.26
CA GLY B 106 -6.25 29.01 -2.10
C GLY B 106 -4.74 28.98 -2.10
N MET B 107 -4.21 28.17 -3.01
CA MET B 107 -2.78 28.00 -3.14
CA MET B 107 -2.78 28.06 -3.15
C MET B 107 -2.43 27.88 -4.62
N VAL B 108 -1.57 28.76 -5.10
CA VAL B 108 -1.10 28.66 -6.46
C VAL B 108 -0.04 27.58 -6.49
N LEU B 109 -0.23 26.59 -7.34
CA LEU B 109 0.57 25.37 -7.27
C LEU B 109 1.75 25.33 -8.26
N ALA B 110 1.50 25.76 -9.49
CA ALA B 110 2.45 25.63 -10.60
C ALA B 110 1.90 26.30 -11.83
N GLN B 111 2.76 26.55 -12.81
CA GLN B 111 2.28 26.78 -14.18
C GLN B 111 1.82 25.44 -14.72
N ALA B 112 0.73 25.45 -15.47
CA ALA B 112 0.26 24.24 -16.11
C ALA B 112 1.23 23.78 -17.20
N PRO B 113 1.30 22.45 -17.44
CA PRO B 113 1.96 21.94 -18.65
C PRO B 113 1.21 22.39 -19.88
N ILE B 114 1.90 22.51 -21.01
CA ILE B 114 1.32 22.83 -22.34
C ILE B 114 0.76 24.25 -22.41
N MET B 115 -0.24 24.52 -21.59
CA MET B 115 -0.87 25.82 -21.57
C MET B 115 -0.15 26.70 -20.54
N LYS B 116 1.07 27.13 -20.88
CA LYS B 116 1.98 27.72 -19.89
C LYS B 116 1.56 29.12 -19.37
N ALA B 117 0.61 29.77 -20.04
CA ALA B 117 0.05 31.02 -19.54
C ALA B 117 -0.97 30.76 -18.42
N TRP B 118 -1.31 29.49 -18.21
CA TRP B 118 -2.28 29.10 -17.19
C TRP B 118 -1.60 28.53 -15.96
N PHE B 119 -2.25 28.69 -14.81
CA PHE B 119 -1.73 28.20 -13.55
C PHE B 119 -2.63 27.16 -12.93
N TYR B 120 -2.00 26.13 -12.36
CA TYR B 120 -2.68 25.22 -11.45
C TYR B 120 -2.95 25.92 -10.13
N ILE B 121 -4.18 25.85 -9.64
CA ILE B 121 -4.50 26.42 -8.33
C ILE B 121 -5.57 25.56 -7.64
N THR B 122 -5.53 25.48 -6.32
CA THR B 122 -6.56 24.77 -5.57
C THR B 122 -7.04 25.64 -4.41
N TYR B 123 -8.11 25.23 -3.75
CA TYR B 123 -8.81 26.08 -2.76
C TYR B 123 -9.12 25.34 -1.47
N GLU B 124 -9.02 26.05 -0.33
CA GLU B 124 -9.32 25.44 0.96
C GLU B 124 -10.71 24.84 1.00
N LYS B 125 -11.69 25.56 0.45
CA LYS B 125 -13.07 25.11 0.46
C LYS B 125 -13.44 24.21 -0.72
N ASP B 126 -12.50 23.99 -1.62
CA ASP B 126 -12.77 23.19 -2.81
C ASP B 126 -11.44 22.62 -3.31
N PRO B 127 -10.94 21.57 -2.64
CA PRO B 127 -9.56 21.12 -2.82
C PRO B 127 -9.38 20.21 -4.03
N VAL B 128 -9.84 20.69 -5.18
CA VAL B 128 -9.55 20.04 -6.44
C VAL B 128 -8.76 20.99 -7.34
N LEU B 129 -8.31 20.47 -8.47
CA LEU B 129 -7.40 21.19 -9.33
C LEU B 129 -8.11 22.08 -10.34
N TYR B 130 -7.82 23.38 -10.29
CA TYR B 130 -8.36 24.37 -11.23
C TYR B 130 -7.25 24.99 -12.07
N MET B 131 -7.61 25.58 -13.19
CA MET B 131 -6.68 26.29 -14.06
C MET B 131 -7.22 27.66 -14.49
N TYR B 132 -6.42 28.71 -14.27
CA TYR B 132 -6.74 30.05 -14.73
C TYR B 132 -5.50 30.78 -15.21
N GLN B 133 -5.69 31.77 -16.10
CA GLN B 133 -4.62 32.71 -16.45
C GLN B 133 -4.50 33.74 -15.35
N LEU B 134 -3.83 33.34 -14.26
CA LEU B 134 -3.88 34.10 -13.02
C LEU B 134 -3.16 35.45 -13.09
N LEU B 135 -2.31 35.65 -14.09
CA LEU B 135 -1.65 36.96 -14.19
C LEU B 135 -2.67 38.01 -14.62
N ASP B 136 -3.72 37.57 -15.30
CA ASP B 136 -4.83 38.46 -15.62
C ASP B 136 -5.54 38.87 -14.33
N ASP B 137 -5.88 37.89 -13.48
CA ASP B 137 -6.49 38.20 -12.19
C ASP B 137 -5.61 39.14 -11.38
N TYR B 138 -4.32 38.83 -11.37
CA TYR B 138 -3.37 39.60 -10.57
C TYR B 138 -3.36 41.06 -11.01
N LYS B 139 -3.30 41.30 -12.31
CA LYS B 139 -3.28 42.65 -12.87
C LYS B 139 -4.53 43.44 -12.51
N GLU B 140 -5.65 42.74 -12.38
CA GLU B 140 -6.93 43.40 -12.11
C GLU B 140 -7.22 43.59 -10.63
N GLY B 141 -6.33 43.14 -9.77
CA GLY B 141 -6.54 43.26 -8.33
C GLY B 141 -7.33 42.08 -7.75
N ASP B 142 -7.52 41.03 -8.55
CA ASP B 142 -8.34 39.91 -8.11
C ASP B 142 -7.56 38.74 -7.50
N LEU B 143 -6.25 38.91 -7.30
CA LEU B 143 -5.44 37.86 -6.69
C LEU B 143 -4.47 38.46 -5.70
N ARG B 144 -4.65 38.17 -4.41
CA ARG B 144 -3.83 38.79 -3.37
C ARG B 144 -3.00 37.76 -2.63
N ILE B 145 -1.70 38.04 -2.48
CA ILE B 145 -0.82 37.15 -1.75
C ILE B 145 -1.03 37.31 -0.24
N MET B 146 -1.19 36.18 0.45
CA MET B 146 -1.33 36.18 1.91
C MET B 146 0.03 36.40 2.58
N PRO B 147 0.06 37.25 3.60
CA PRO B 147 1.28 37.44 4.41
C PRO B 147 1.58 36.21 5.25
N GLY B 161 5.90 17.81 6.00
CA GLY B 161 5.01 16.75 5.57
C GLY B 161 5.40 16.19 4.21
N VAL B 162 6.63 16.46 3.80
CA VAL B 162 7.15 15.88 2.58
C VAL B 162 7.43 14.40 2.77
N VAL B 163 6.94 13.58 1.85
CA VAL B 163 7.21 12.15 1.88
C VAL B 163 7.80 11.70 0.55
N ASP B 164 9.02 11.18 0.58
CA ASP B 164 9.64 10.63 -0.63
C ASP B 164 8.92 9.37 -1.08
N GLY B 165 8.91 9.13 -2.39
CA GLY B 165 8.45 7.86 -2.92
C GLY B 165 6.95 7.62 -2.93
N LEU B 166 6.16 8.69 -2.89
CA LEU B 166 4.71 8.56 -2.80
C LEU B 166 3.99 8.36 -4.14
N ILE B 167 4.67 8.71 -5.23
CA ILE B 167 4.02 8.67 -6.55
C ILE B 167 3.66 7.23 -6.91
N GLY B 168 2.38 7.01 -7.18
CA GLY B 168 1.89 5.68 -7.50
C GLY B 168 1.27 4.97 -6.30
N LYS B 169 1.44 5.52 -5.11
CA LYS B 169 0.87 4.88 -3.92
C LYS B 169 -0.65 4.90 -3.92
N HIS B 170 -1.24 3.78 -3.49
CA HIS B 170 -2.69 3.71 -3.36
C HIS B 170 -3.13 4.36 -2.05
N VAL B 171 -4.27 5.03 -2.09
CA VAL B 171 -4.76 5.79 -0.96
C VAL B 171 -6.24 5.54 -0.79
N GLU B 172 -6.71 5.61 0.46
CA GLU B 172 -8.13 5.56 0.74
C GLU B 172 -8.48 6.58 1.82
N TYR B 173 -9.69 7.13 1.79
CA TYR B 173 -10.17 7.86 2.96
C TYR B 173 -11.65 7.51 3.15
N THR B 174 -12.06 7.37 4.42
CA THR B 174 -13.43 7.00 4.74
C THR B 174 -14.38 8.16 4.49
N LYS B 175 -15.40 7.91 3.68
CA LYS B 175 -16.41 8.93 3.38
C LYS B 175 -17.40 9.07 4.53
N GLU B 176 -18.09 10.21 4.59
CA GLU B 176 -19.07 10.48 5.63
C GLU B 176 -20.20 9.46 5.62
N ASP B 177 -20.40 8.81 4.48
CA ASP B 177 -21.41 7.77 4.34
C ASP B 177 -20.94 6.47 4.98
N GLY B 178 -19.67 6.42 5.38
CA GLY B 178 -19.15 5.26 6.08
C GLY B 178 -18.27 4.40 5.19
N SER B 179 -18.37 4.59 3.88
CA SER B 179 -17.61 3.78 2.93
C SER B 179 -16.31 4.45 2.47
N LYS B 180 -15.47 3.66 1.80
CA LYS B 180 -14.11 4.07 1.47
C LYS B 180 -14.00 4.63 0.05
N ARG B 181 -13.32 5.76 -0.09
CA ARG B 181 -12.97 6.30 -1.40
C ARG B 181 -11.56 5.84 -1.79
N ILE B 182 -11.41 5.24 -2.96
CA ILE B 182 -10.14 4.61 -3.34
C ILE B 182 -9.42 5.38 -4.46
N GLY B 183 -8.12 5.60 -4.32
CA GLY B 183 -7.38 6.37 -5.29
C GLY B 183 -5.89 6.12 -5.35
N MET B 184 -5.20 6.99 -6.09
CA MET B 184 -3.77 6.89 -6.30
C MET B 184 -3.11 8.27 -6.31
N VAL B 185 -1.93 8.36 -5.71
CA VAL B 185 -1.11 9.56 -5.80
C VAL B 185 -0.45 9.63 -7.18
N ILE B 186 -0.71 10.70 -7.92
CA ILE B 186 -0.19 10.78 -9.28
C ILE B 186 0.87 11.85 -9.51
N HIS B 187 0.99 12.82 -8.61
CA HIS B 187 1.98 13.90 -8.78
C HIS B 187 2.33 14.52 -7.46
N GLN B 188 3.55 15.05 -7.40
CA GLN B 188 4.00 15.86 -6.27
C GLN B 188 4.28 17.28 -6.78
N VAL B 189 3.87 18.29 -6.04
CA VAL B 189 4.04 19.66 -6.50
C VAL B 189 5.45 20.15 -6.18
N GLU B 190 6.16 20.60 -7.22
CA GLU B 190 7.55 21.00 -7.06
C GLU B 190 7.72 22.15 -6.06
N ALA B 191 6.87 23.16 -6.19
CA ALA B 191 7.01 24.35 -5.36
C ALA B 191 6.60 24.12 -3.91
N LYS B 192 5.84 23.06 -3.65
CA LYS B 192 5.39 22.75 -2.30
C LYS B 192 5.31 21.24 -2.19
N PRO B 193 6.46 20.60 -1.93
CA PRO B 193 6.57 19.14 -2.07
C PRO B 193 5.81 18.33 -1.02
N SER B 194 5.15 19.00 -0.07
CA SER B 194 4.23 18.29 0.83
C SER B 194 2.84 18.20 0.20
N VAL B 195 2.69 18.80 -0.97
CA VAL B 195 1.40 18.80 -1.65
C VAL B 195 1.39 17.81 -2.80
N TYR B 196 0.36 16.97 -2.86
CA TYR B 196 0.26 15.93 -3.88
C TYR B 196 -1.06 15.99 -4.60
N PHE B 197 -1.07 15.50 -5.84
CA PHE B 197 -2.29 15.28 -6.59
C PHE B 197 -2.77 13.85 -6.42
N ILE B 198 -4.05 13.67 -6.15
CA ILE B 198 -4.65 12.35 -6.01
C ILE B 198 -5.79 12.19 -7.00
N LYS B 199 -5.81 11.05 -7.70
CA LYS B 199 -6.94 10.69 -8.55
C LYS B 199 -7.74 9.57 -7.91
N PHE B 200 -9.02 9.82 -7.62
CA PHE B 200 -9.92 8.79 -7.07
C PHE B 200 -10.66 8.07 -8.19
N ASP B 201 -10.92 6.78 -7.98
CA ASP B 201 -11.57 5.96 -9.00
C ASP B 201 -12.95 6.45 -9.38
N ASP B 202 -13.66 7.07 -8.45
CA ASP B 202 -15.08 7.38 -8.70
C ASP B 202 -15.36 8.77 -9.28
N ASP B 203 -14.30 9.52 -9.61
CA ASP B 203 -14.48 10.90 -10.02
C ASP B 203 -13.37 11.41 -10.95
N PHE B 204 -13.71 12.42 -11.74
CA PHE B 204 -12.81 12.98 -12.74
C PHE B 204 -11.96 14.12 -12.19
N HIS B 205 -12.30 14.63 -11.01
CA HIS B 205 -11.50 15.73 -10.47
C HIS B 205 -10.13 15.23 -10.06
N ILE B 206 -9.17 16.14 -10.05
CA ILE B 206 -7.86 15.87 -9.46
C ILE B 206 -7.88 16.53 -8.10
N TYR B 207 -7.76 15.71 -7.05
CA TYR B 207 -7.82 16.22 -5.67
C TYR B 207 -6.43 16.61 -5.20
N VAL B 208 -6.35 17.70 -4.45
CA VAL B 208 -5.07 18.23 -4.04
C VAL B 208 -5.00 18.21 -2.52
N TYR B 209 -3.98 17.57 -1.97
CA TYR B 209 -3.82 17.43 -0.52
C TYR B 209 -2.45 17.91 -0.09
N ASP B 210 -2.42 18.66 1.01
CA ASP B 210 -1.17 19.10 1.60
C ASP B 210 -0.96 18.28 2.87
N LEU B 211 0.07 17.43 2.88
CA LEU B 211 0.20 16.47 3.98
C LEU B 211 0.61 17.12 5.30
N VAL B 212 0.99 18.39 5.27
CA VAL B 212 1.28 19.09 6.53
C VAL B 212 0.00 19.53 7.24
N LYS B 213 -1.13 19.55 6.52
CA LYS B 213 -2.39 20.07 7.06
C LYS B 213 -3.30 19.02 7.70
N LYS B 214 -4.15 19.45 8.62
CA LYS B 214 -5.07 18.53 9.29
C LYS B 214 -6.09 17.95 8.32
N SER B 215 -6.42 18.70 7.26
CA SER B 215 -7.36 18.24 6.26
C SER B 215 -6.88 17.02 5.47
N ALA B 216 -5.68 16.55 5.81
CA ALA B 216 -5.10 15.38 5.14
C ALA B 216 -5.02 14.17 6.08
N GLU B 217 -5.40 14.36 7.34
CA GLU B 217 -5.25 13.32 8.36
C GLU B 217 -6.07 12.06 8.04
N ASN B 218 -7.12 12.21 7.26
CA ASN B 218 -8.00 11.09 6.91
C ASN B 218 -7.50 10.25 5.75
N LEU B 219 -6.38 10.64 5.15
CA LEU B 219 -5.86 9.91 4.00
C LEU B 219 -4.99 8.76 4.47
N TYR B 220 -5.33 7.55 4.05
CA TYR B 220 -4.56 6.37 4.43
C TYR B 220 -3.84 5.80 3.22
N PHE B 221 -2.52 5.66 3.35
CA PHE B 221 -1.68 5.16 2.28
C PHE B 221 -1.40 3.68 2.50
N PRO C 2 -5.38 -28.04 31.64
CA PRO C 2 -4.18 -28.35 32.41
C PRO C 2 -4.16 -27.64 33.75
N ARG C 3 -3.41 -28.17 34.71
CA ARG C 3 -3.20 -27.49 35.98
C ARG C 3 -2.68 -26.08 35.75
N ARG C 4 -1.66 -25.96 34.90
CA ARG C 4 -1.11 -24.67 34.51
C ARG C 4 -1.07 -24.54 32.99
N ASN C 5 -1.67 -23.47 32.48
CA ASN C 5 -1.56 -23.16 31.05
C ASN C 5 -0.11 -22.89 30.66
N ILE C 6 0.24 -23.11 29.38
CA ILE C 6 1.52 -22.60 28.89
C ILE C 6 1.41 -21.69 27.66
N VAL C 7 0.26 -21.64 27.00
CA VAL C 7 0.18 -20.74 25.84
C VAL C 7 0.34 -19.31 26.33
N GLY C 8 1.24 -18.57 25.67
CA GLY C 8 1.46 -17.17 26.01
C GLY C 8 2.43 -16.98 27.14
N CYS C 9 2.95 -18.08 27.69
CA CYS C 9 3.93 -18.01 28.77
C CYS C 9 5.36 -18.06 28.26
N ARG C 10 6.27 -17.55 29.08
CA ARG C 10 7.70 -17.80 28.87
C ARG C 10 8.03 -19.16 29.44
N ILE C 11 8.86 -19.93 28.71
CA ILE C 11 9.26 -21.25 29.16
C ILE C 11 10.75 -21.44 29.01
N SER C 12 11.27 -22.41 29.75
CA SER C 12 12.63 -22.90 29.54
C SER C 12 12.64 -24.41 29.64
N HIS C 13 13.58 -25.04 28.95
CA HIS C 13 13.75 -26.47 29.02
C HIS C 13 15.12 -26.87 28.51
N GLY C 14 15.58 -28.03 28.95
CA GLY C 14 16.79 -28.60 28.42
C GLY C 14 16.49 -29.21 27.08
N TRP C 15 17.51 -29.31 26.24
CA TRP C 15 17.36 -29.94 24.95
C TRP C 15 18.44 -30.99 24.81
N LYS C 16 18.02 -32.22 24.60
CA LYS C 16 18.93 -33.35 24.48
C LYS C 16 18.66 -34.11 23.18
N GLU C 17 19.46 -33.85 22.16
CA GLU C 17 19.31 -34.51 20.88
C GLU C 17 20.56 -35.33 20.57
N GLY C 18 20.37 -36.63 20.32
CA GLY C 18 21.47 -37.53 20.06
C GLY C 18 22.35 -37.64 21.29
N ASP C 19 23.64 -37.34 21.12
CA ASP C 19 24.57 -37.36 22.24
C ASP C 19 25.36 -36.08 22.32
N GLU C 20 24.72 -34.97 22.00
CA GLU C 20 25.31 -33.67 22.22
C GLU C 20 25.13 -33.31 23.68
N PRO C 21 26.02 -32.46 24.22
CA PRO C 21 25.81 -31.96 25.57
C PRO C 21 24.46 -31.23 25.66
N ILE C 22 23.72 -31.49 26.74
CA ILE C 22 22.45 -30.81 26.98
C ILE C 22 22.60 -29.30 26.98
N THR C 23 21.76 -28.61 26.22
CA THR C 23 21.75 -27.15 26.22
C THR C 23 20.42 -26.64 26.77
N GLN C 24 20.37 -25.36 27.13
CA GLN C 24 19.19 -24.74 27.70
C GLN C 24 18.54 -23.79 26.71
N TRP C 25 17.23 -23.94 26.53
CA TRP C 25 16.46 -23.11 25.61
C TRP C 25 15.43 -22.30 26.39
N LYS C 26 15.18 -21.08 25.92
CA LYS C 26 14.17 -20.22 26.50
C LYS C 26 13.34 -19.61 25.38
N GLY C 27 12.04 -19.47 25.62
CA GLY C 27 11.18 -18.95 24.58
C GLY C 27 9.79 -18.61 25.06
N THR C 28 8.93 -18.26 24.11
CA THR C 28 7.56 -17.88 24.37
C THR C 28 6.65 -18.81 23.59
N VAL C 29 5.69 -19.41 24.28
CA VAL C 29 4.74 -20.30 23.61
C VAL C 29 3.68 -19.45 22.91
N LEU C 30 3.60 -19.60 21.58
CA LEU C 30 2.74 -18.74 20.76
C LEU C 30 1.32 -19.27 20.63
N ASP C 31 1.21 -20.58 20.55
CA ASP C 31 -0.05 -21.18 20.14
C ASP C 31 -0.08 -22.67 20.43
N GLN C 32 -1.27 -23.16 20.73
CA GLN C 32 -1.50 -24.58 20.89
C GLN C 32 -2.41 -24.94 19.74
N VAL C 33 -1.96 -25.81 18.85
CA VAL C 33 -2.71 -26.07 17.62
C VAL C 33 -4.05 -26.75 17.93
N PRO C 34 -5.19 -26.11 17.59
CA PRO C 34 -6.50 -26.66 17.93
C PRO C 34 -6.72 -28.08 17.41
N ILE C 35 -6.29 -28.35 16.19
CA ILE C 35 -6.54 -29.66 15.57
C ILE C 35 -5.59 -30.75 16.10
N ASN C 36 -4.54 -30.33 16.80
CA ASN C 36 -3.62 -31.26 17.43
C ASN C 36 -3.00 -30.60 18.65
N PRO C 37 -3.72 -30.60 19.78
CA PRO C 37 -3.37 -29.77 20.94
C PRO C 37 -2.16 -30.27 21.72
N SER C 38 -1.56 -31.39 21.30
CA SER C 38 -0.24 -31.78 21.80
C SER C 38 0.86 -30.94 21.17
N LEU C 39 0.54 -30.29 20.05
CA LEU C 39 1.53 -29.53 19.29
C LEU C 39 1.46 -28.04 19.60
N TYR C 40 2.61 -27.48 19.95
CA TYR C 40 2.71 -26.06 20.26
C TYR C 40 3.67 -25.37 19.29
N LEU C 41 3.38 -24.11 18.97
CA LEU C 41 4.31 -23.29 18.21
C LEU C 41 5.07 -22.40 19.19
N VAL C 42 6.41 -22.39 19.08
CA VAL C 42 7.24 -21.65 20.02
C VAL C 42 8.21 -20.70 19.31
N LYS C 43 8.35 -19.50 19.85
CA LYS C 43 9.39 -18.58 19.42
C LYS C 43 10.52 -18.59 20.45
N TYR C 44 11.67 -19.14 20.09
CA TYR C 44 12.81 -19.19 21.01
C TYR C 44 13.65 -17.93 20.91
N ASP C 45 14.14 -17.46 22.05
CA ASP C 45 14.98 -16.27 22.11
C ASP C 45 16.14 -16.37 21.11
N GLY C 46 16.24 -15.37 20.23
CA GLY C 46 17.38 -15.26 19.34
C GLY C 46 17.35 -16.23 18.17
N ILE C 47 16.20 -16.86 17.95
CA ILE C 47 16.09 -17.85 16.88
C ILE C 47 14.97 -17.41 15.95
N ASP C 48 15.27 -17.23 14.66
CA ASP C 48 14.30 -16.62 13.74
C ASP C 48 13.16 -17.56 13.37
N CYS C 49 13.45 -18.84 13.20
CA CYS C 49 12.42 -19.74 12.73
C CYS C 49 11.53 -20.21 13.87
N VAL C 50 10.24 -20.25 13.59
CA VAL C 50 9.27 -20.74 14.55
C VAL C 50 9.42 -22.26 14.72
N TYR C 51 9.40 -22.73 15.96
CA TYR C 51 9.43 -24.16 16.27
C TYR C 51 8.06 -24.78 16.53
N GLY C 52 7.79 -25.93 15.90
CA GLY C 52 6.63 -26.71 16.27
C GLY C 52 7.11 -27.90 17.09
N LEU C 53 6.74 -27.96 18.36
CA LEU C 53 7.17 -29.04 19.25
C LEU C 53 6.01 -29.56 20.08
N GLU C 54 5.94 -30.88 20.21
CA GLU C 54 5.02 -31.46 21.17
C GLU C 54 5.70 -31.40 22.52
N LEU C 55 5.53 -30.27 23.21
CA LEU C 55 6.34 -29.95 24.39
C LEU C 55 6.19 -30.93 25.53
N HIS C 56 5.06 -31.62 25.62
CA HIS C 56 4.88 -32.61 26.69
C HIS C 56 5.27 -34.03 26.27
N ARG C 57 5.12 -34.36 24.99
CA ARG C 57 5.43 -35.70 24.51
C ARG C 57 6.88 -35.91 24.07
N ASP C 58 7.53 -34.85 23.60
CA ASP C 58 8.84 -34.96 22.95
C ASP C 58 9.93 -35.28 23.97
N GLU C 59 10.60 -36.42 23.79
CA GLU C 59 11.58 -36.88 24.76
C GLU C 59 12.83 -36.00 24.84
N ARG C 60 13.03 -35.17 23.83
CA ARG C 60 14.20 -34.27 23.78
C ARG C 60 14.01 -33.05 24.65
N VAL C 61 12.76 -32.80 25.05
CA VAL C 61 12.42 -31.65 25.89
C VAL C 61 12.59 -32.01 27.36
N LEU C 62 13.61 -31.42 27.99
CA LEU C 62 13.98 -31.77 29.37
C LEU C 62 13.57 -30.72 30.39
N SER C 63 12.93 -31.17 31.47
CA SER C 63 12.65 -30.34 32.64
C SER C 63 11.91 -29.06 32.28
N LEU C 64 10.86 -29.19 31.48
CA LEU C 64 10.07 -28.04 31.04
C LEU C 64 9.56 -27.24 32.24
N LYS C 65 9.83 -25.94 32.22
CA LYS C 65 9.41 -25.02 33.28
C LYS C 65 8.71 -23.78 32.72
N ILE C 66 7.71 -23.27 33.44
CA ILE C 66 7.16 -21.94 33.13
C ILE C 66 7.95 -20.85 33.83
N LEU C 67 8.48 -19.91 33.06
CA LEU C 67 9.29 -18.83 33.65
C LEU C 67 8.40 -17.69 34.14
N SER C 68 7.26 -17.50 33.48
CA SER C 68 6.32 -16.47 33.86
C SER C 68 5.02 -16.70 33.11
N ASP C 69 3.92 -16.37 33.76
CA ASP C 69 2.59 -16.62 33.21
C ASP C 69 2.21 -15.66 32.07
N ARG C 70 1.11 -16.00 31.42
CA ARG C 70 0.58 -15.19 30.34
C ARG C 70 0.15 -13.84 30.89
N VAL C 71 0.40 -12.78 30.12
CA VAL C 71 -0.01 -11.44 30.53
C VAL C 71 -0.84 -10.80 29.44
N ALA C 72 -1.37 -9.62 29.72
CA ALA C 72 -2.18 -8.90 28.74
C ALA C 72 -1.33 -8.46 27.54
N SER C 73 -2.02 -8.16 26.43
CA SER C 73 -1.39 -7.76 25.17
C SER C 73 -0.35 -6.66 25.34
N SER C 77 3.06 0.45 17.98
CA SER C 77 2.09 -0.52 17.50
C SER C 77 1.13 0.11 16.49
N ASP C 78 1.68 0.52 15.35
CA ASP C 78 0.89 1.10 14.29
C ASP C 78 0.17 0.01 13.50
N ALA C 79 -1.08 -0.26 13.87
CA ALA C 79 -1.86 -1.30 13.22
C ALA C 79 -2.17 -0.95 11.77
N ASN C 80 -2.29 0.34 11.50
CA ASN C 80 -2.53 0.75 10.12
C ASN C 80 -1.34 0.38 9.26
N LEU C 81 -0.13 0.65 9.74
CA LEU C 81 1.08 0.25 9.02
C LEU C 81 1.18 -1.28 8.90
N ALA C 82 0.90 -1.97 10.00
CA ALA C 82 0.89 -3.44 9.98
C ALA C 82 -0.02 -3.98 8.89
N ASN C 83 -1.19 -3.37 8.74
CA ASN C 83 -2.15 -3.84 7.76
C ASN C 83 -1.72 -3.60 6.32
N THR C 84 -0.79 -2.68 6.10
CA THR C 84 -0.30 -2.46 4.75
C THR C 84 0.72 -3.51 4.32
N ILE C 85 1.30 -4.24 5.28
CA ILE C 85 2.27 -5.25 4.89
C ILE C 85 1.72 -6.68 5.01
N ILE C 86 0.71 -6.87 5.85
CA ILE C 86 0.14 -8.21 6.04
C ILE C 86 -0.51 -8.70 4.75
N GLY C 87 -0.09 -9.88 4.32
CA GLY C 87 -0.62 -10.50 3.12
C GLY C 87 0.05 -10.05 1.83
N LYS C 88 1.11 -9.25 1.96
CA LYS C 88 1.81 -8.72 0.78
C LYS C 88 3.05 -9.50 0.40
N ALA C 89 3.29 -9.64 -0.90
CA ALA C 89 4.59 -10.10 -1.36
C ALA C 89 5.60 -9.03 -0.98
N VAL C 90 6.80 -9.44 -0.55
CA VAL C 90 7.83 -8.48 -0.17
C VAL C 90 9.22 -8.91 -0.65
N GLU C 91 10.11 -7.93 -0.81
CA GLU C 91 11.54 -8.20 -0.89
C GLU C 91 12.14 -7.79 0.46
N HIS C 92 12.66 -8.78 1.17
CA HIS C 92 13.15 -8.58 2.53
C HIS C 92 14.68 -8.57 2.50
N MET C 93 15.27 -7.44 2.87
CA MET C 93 16.72 -7.27 2.76
C MET C 93 17.46 -7.74 4.01
N PHE C 94 18.37 -8.69 3.81
CA PHE C 94 19.32 -9.09 4.83
C PHE C 94 20.70 -8.63 4.37
N GLU C 95 21.71 -8.82 5.22
CA GLU C 95 23.09 -8.49 4.89
C GLU C 95 23.92 -9.73 4.59
N GLY C 96 24.67 -9.70 3.50
CA GLY C 96 25.64 -10.76 3.22
C GLY C 96 27.01 -10.32 3.71
N GLU C 97 28.05 -10.76 3.01
CA GLU C 97 29.43 -10.40 3.40
C GLU C 97 29.61 -8.88 3.39
N HIS C 98 30.29 -8.38 4.43
CA HIS C 98 30.62 -6.95 4.62
C HIS C 98 29.50 -5.98 4.23
N GLY C 99 28.28 -6.33 4.60
CA GLY C 99 27.13 -5.46 4.44
C GLY C 99 26.49 -5.48 3.06
N SER C 100 26.97 -6.36 2.18
CA SER C 100 26.40 -6.52 0.85
C SER C 100 24.92 -6.93 0.91
N LYS C 101 24.19 -6.76 -0.19
CA LYS C 101 22.79 -7.15 -0.24
C LYS C 101 22.62 -8.67 -0.20
N ASP C 102 21.64 -9.11 0.57
CA ASP C 102 21.21 -10.50 0.58
C ASP C 102 19.68 -10.47 0.65
N GLU C 103 19.06 -10.27 -0.50
CA GLU C 103 17.65 -9.95 -0.57
C GLU C 103 16.79 -11.18 -0.85
N TRP C 104 15.75 -11.36 -0.05
CA TRP C 104 14.91 -12.55 -0.14
C TRP C 104 13.46 -12.22 -0.47
N ARG C 105 12.93 -12.88 -1.49
CA ARG C 105 11.52 -12.71 -1.85
C ARG C 105 10.65 -13.50 -0.89
N GLY C 106 9.60 -12.87 -0.38
CA GLY C 106 8.76 -13.57 0.58
C GLY C 106 7.36 -13.05 0.65
N MET C 107 6.66 -13.47 1.68
CA MET C 107 5.26 -13.13 1.90
C MET C 107 5.02 -12.88 3.38
N VAL C 108 4.52 -11.71 3.74
CA VAL C 108 4.15 -11.46 5.12
C VAL C 108 2.78 -12.09 5.37
N LEU C 109 2.66 -12.90 6.40
CA LEU C 109 1.49 -13.77 6.53
C LEU C 109 0.46 -13.22 7.49
N ALA C 110 0.94 -12.68 8.61
CA ALA C 110 0.09 -12.38 9.75
C ALA C 110 0.90 -11.67 10.82
N GLN C 111 0.23 -10.96 11.71
CA GLN C 111 0.84 -10.70 13.00
C GLN C 111 0.89 -11.99 13.81
N ALA C 112 1.99 -12.21 14.52
CA ALA C 112 2.10 -13.41 15.35
C ALA C 112 1.13 -13.35 16.51
N PRO C 113 0.67 -14.51 16.98
CA PRO C 113 -0.04 -14.57 18.26
C PRO C 113 0.88 -14.18 19.40
N ILE C 114 0.32 -13.62 20.47
CA ILE C 114 1.00 -13.33 21.73
C ILE C 114 2.00 -12.18 21.61
N MET C 115 3.00 -12.35 20.74
CA MET C 115 4.02 -11.33 20.50
C MET C 115 3.57 -10.45 19.32
N LYS C 116 2.68 -9.50 19.61
CA LYS C 116 1.93 -8.82 18.54
C LYS C 116 2.75 -7.85 17.68
N ALA C 117 3.89 -7.39 18.20
CA ALA C 117 4.79 -6.54 17.40
C ALA C 117 5.58 -7.37 16.40
N TRP C 118 5.41 -8.69 16.47
CA TRP C 118 6.14 -9.63 15.62
C TRP C 118 5.25 -10.11 14.48
N PHE C 119 5.85 -10.45 13.34
CA PHE C 119 5.09 -10.90 12.18
C PHE C 119 5.55 -12.26 11.71
N TYR C 120 4.57 -13.08 11.29
CA TYR C 120 4.84 -14.31 10.58
C TYR C 120 5.23 -13.98 9.14
N ILE C 121 6.32 -14.58 8.64
CA ILE C 121 6.75 -14.37 7.26
C ILE C 121 7.44 -15.64 6.73
N THR C 122 7.28 -15.92 5.44
CA THR C 122 7.96 -17.04 4.81
C THR C 122 8.56 -16.58 3.49
N TYR C 123 9.38 -17.44 2.86
CA TYR C 123 10.19 -17.03 1.72
C TYR C 123 10.04 -18.00 0.59
N GLU C 124 10.05 -17.50 -0.64
CA GLU C 124 9.84 -18.39 -1.78
C GLU C 124 10.96 -19.42 -1.90
N LYS C 125 12.17 -19.07 -1.51
CA LYS C 125 13.30 -19.99 -1.61
C LYS C 125 13.55 -20.74 -0.30
N ASP C 126 12.76 -20.43 0.71
CA ASP C 126 12.87 -21.09 2.00
C ASP C 126 11.49 -21.06 2.69
N PRO C 127 10.60 -21.97 2.28
CA PRO C 127 9.18 -21.88 2.66
C PRO C 127 8.88 -22.48 4.02
N VAL C 128 9.57 -21.97 5.05
CA VAL C 128 9.24 -22.30 6.43
C VAL C 128 8.91 -21.02 7.18
N LEU C 129 8.41 -21.16 8.40
CA LEU C 129 7.82 -20.02 9.12
C LEU C 129 8.86 -19.27 9.93
N TYR C 130 8.97 -17.96 9.70
CA TYR C 130 9.88 -17.12 10.48
C TYR C 130 9.10 -16.04 11.21
N MET C 131 9.74 -15.43 12.20
CA MET C 131 9.17 -14.30 12.94
C MET C 131 10.17 -13.17 13.08
N TYR C 132 9.74 -11.95 12.73
CA TYR C 132 10.53 -10.75 12.92
C TYR C 132 9.63 -9.58 13.30
N GLN C 133 10.21 -8.58 13.94
CA GLN C 133 9.53 -7.30 14.14
C GLN C 133 9.68 -6.48 12.86
N LEU C 134 8.86 -6.83 11.86
CA LEU C 134 9.04 -6.31 10.51
C LEU C 134 8.78 -4.81 10.34
N LEU C 135 8.11 -4.17 11.30
CA LEU C 135 7.90 -2.74 11.15
C LEU C 135 9.23 -2.01 11.34
N ASP C 136 10.13 -2.61 12.11
CA ASP C 136 11.49 -2.07 12.22
C ASP C 136 12.24 -2.16 10.89
N ASP C 137 12.20 -3.34 10.26
CA ASP C 137 12.79 -3.49 8.93
C ASP C 137 12.20 -2.48 7.95
N TYR C 138 10.87 -2.35 8.00
CA TYR C 138 10.16 -1.48 7.08
C TYR C 138 10.62 -0.04 7.24
N LYS C 139 10.62 0.44 8.47
CA LYS C 139 11.00 1.82 8.74
C LYS C 139 12.45 2.10 8.37
N GLU C 140 13.30 1.06 8.38
CA GLU C 140 14.70 1.22 8.02
C GLU C 140 14.94 1.10 6.51
N GLY C 141 13.89 0.76 5.75
CA GLY C 141 14.03 0.64 4.30
C GLY C 141 14.37 -0.76 3.82
N ASP C 142 14.35 -1.73 4.74
CA ASP C 142 14.78 -3.09 4.42
C ASP C 142 13.63 -4.04 4.11
N LEU C 143 12.42 -3.50 3.94
CA LEU C 143 11.30 -4.35 3.55
C LEU C 143 10.54 -3.66 2.44
N ARG C 144 10.63 -4.17 1.23
CA ARG C 144 9.93 -3.51 0.12
C ARG C 144 8.66 -4.28 -0.20
N ILE C 145 7.55 -3.55 -0.28
CA ILE C 145 6.29 -4.18 -0.64
C ILE C 145 6.19 -4.30 -2.16
N MET C 146 5.92 -5.52 -2.62
CA MET C 146 5.85 -5.82 -4.06
C MET C 146 4.46 -5.56 -4.65
N PRO C 147 4.40 -5.22 -5.95
CA PRO C 147 3.14 -4.94 -6.64
C PRO C 147 2.18 -6.14 -6.63
N GLY C 161 -7.15 -21.02 -4.48
CA GLY C 161 -6.56 -22.30 -4.15
C GLY C 161 -6.97 -22.74 -2.76
N VAL C 162 -8.09 -22.22 -2.29
CA VAL C 162 -8.64 -22.58 -0.99
C VAL C 162 -9.34 -23.95 -1.08
N VAL C 163 -9.06 -24.81 -0.11
CA VAL C 163 -9.58 -26.19 -0.09
C VAL C 163 -10.52 -26.39 1.09
N ASP C 164 -11.71 -26.93 0.83
CA ASP C 164 -12.67 -27.15 1.93
C ASP C 164 -12.17 -28.23 2.87
N GLY C 165 -12.22 -27.93 4.16
CA GLY C 165 -12.00 -28.91 5.21
C GLY C 165 -10.59 -29.45 5.32
N LEU C 166 -9.60 -28.63 4.98
CA LEU C 166 -8.21 -29.11 4.91
C LEU C 166 -7.53 -29.21 6.27
N ILE C 167 -7.94 -28.39 7.23
CA ILE C 167 -7.24 -28.39 8.52
C ILE C 167 -7.37 -29.76 9.22
N GLY C 168 -6.23 -30.32 9.62
CA GLY C 168 -6.18 -31.62 10.26
C GLY C 168 -5.92 -32.75 9.29
N LYS C 169 -5.98 -32.49 7.98
CA LYS C 169 -5.75 -33.57 7.02
C LYS C 169 -4.29 -34.01 7.02
N HIS C 170 -4.08 -35.31 6.88
CA HIS C 170 -2.73 -35.81 6.73
C HIS C 170 -2.24 -35.44 5.35
N VAL C 171 -0.94 -35.19 5.24
CA VAL C 171 -0.37 -34.79 3.96
C VAL C 171 0.95 -35.52 3.75
N GLU C 172 1.24 -35.87 2.51
CA GLU C 172 2.54 -36.42 2.22
C GLU C 172 3.01 -35.95 0.86
N TYR C 173 4.32 -36.06 0.63
CA TYR C 173 4.83 -36.00 -0.72
C TYR C 173 5.98 -36.99 -0.83
N THR C 174 6.36 -37.31 -2.05
CA THR C 174 7.45 -38.24 -2.27
C THR C 174 8.78 -37.49 -2.29
N LYS C 175 9.69 -37.88 -1.40
CA LYS C 175 11.00 -37.26 -1.35
C LYS C 175 11.88 -37.79 -2.48
N GLU C 176 13.04 -37.17 -2.69
CA GLU C 176 13.99 -37.65 -3.69
C GLU C 176 14.43 -39.07 -3.37
N ASP C 177 14.52 -39.37 -2.08
CA ASP C 177 14.92 -40.70 -1.61
C ASP C 177 13.92 -41.78 -2.03
N GLY C 178 12.72 -41.35 -2.42
CA GLY C 178 11.67 -42.28 -2.84
C GLY C 178 10.63 -42.51 -1.76
N SER C 179 11.03 -42.36 -0.51
CA SER C 179 10.13 -42.57 0.62
C SER C 179 9.15 -41.40 0.77
N LYS C 180 8.10 -41.62 1.55
CA LYS C 180 7.08 -40.61 1.77
C LYS C 180 7.43 -39.76 3.00
N ARG C 181 7.26 -38.46 2.86
CA ARG C 181 7.39 -37.56 4.01
C ARG C 181 6.00 -37.27 4.53
N ILE C 182 5.77 -37.56 5.80
CA ILE C 182 4.42 -37.53 6.37
C ILE C 182 4.22 -36.34 7.30
N GLY C 183 3.08 -35.66 7.16
CA GLY C 183 2.77 -34.56 8.06
C GLY C 183 1.29 -34.26 8.12
N MET C 184 0.96 -33.12 8.71
CA MET C 184 -0.43 -32.72 8.86
C MET C 184 -0.61 -31.23 8.62
N VAL C 185 -1.73 -30.88 8.01
CA VAL C 185 -2.09 -29.49 7.84
C VAL C 185 -2.63 -28.96 9.17
N ILE C 186 -2.04 -27.90 9.71
CA ILE C 186 -2.39 -27.45 11.06
C ILE C 186 -3.04 -26.06 11.13
N HIS C 187 -2.94 -25.28 10.07
CA HIS C 187 -3.38 -23.89 10.12
C HIS C 187 -3.60 -23.35 8.71
N GLN C 188 -4.59 -22.47 8.58
CA GLN C 188 -4.80 -21.67 7.38
C GLN C 188 -4.51 -20.20 7.68
N VAL C 189 -3.85 -19.52 6.75
CA VAL C 189 -3.54 -18.11 6.93
C VAL C 189 -4.73 -17.25 6.51
N GLU C 190 -5.26 -16.44 7.42
CA GLU C 190 -6.45 -15.65 7.12
C GLU C 190 -6.25 -14.64 5.97
N ALA C 191 -5.14 -13.92 5.97
CA ALA C 191 -4.91 -12.86 4.99
C ALA C 191 -4.69 -13.44 3.59
N LYS C 192 -4.28 -14.70 3.53
CA LYS C 192 -4.05 -15.39 2.26
C LYS C 192 -4.50 -16.85 2.39
N PRO C 193 -5.80 -17.10 2.22
CA PRO C 193 -6.39 -18.40 2.57
C PRO C 193 -6.01 -19.57 1.68
N SER C 194 -5.25 -19.35 0.61
CA SER C 194 -4.68 -20.48 -0.15
C SER C 194 -3.39 -20.96 0.50
N VAL C 195 -2.95 -20.24 1.54
CA VAL C 195 -1.71 -20.55 2.21
C VAL C 195 -1.99 -21.33 3.51
N TYR C 196 -1.31 -22.47 3.66
CA TYR C 196 -1.48 -23.31 4.83
C TYR C 196 -0.15 -23.60 5.51
N PHE C 197 -0.23 -23.89 6.80
CA PHE C 197 0.90 -24.39 7.59
C PHE C 197 0.85 -25.90 7.66
N ILE C 198 1.98 -26.56 7.39
CA ILE C 198 2.08 -28.01 7.53
C ILE C 198 3.18 -28.35 8.53
N LYS C 199 2.89 -29.26 9.44
CA LYS C 199 3.90 -29.82 10.32
C LYS C 199 4.24 -31.24 9.88
N PHE C 200 5.48 -31.47 9.49
CA PHE C 200 5.94 -32.81 9.13
C PHE C 200 6.51 -33.53 10.36
N ASP C 201 6.31 -34.85 10.43
CA ASP C 201 6.68 -35.61 11.61
C ASP C 201 8.19 -35.56 11.89
N ASP C 202 9.00 -35.47 10.85
CA ASP C 202 10.46 -35.58 11.00
C ASP C 202 11.20 -34.28 11.24
N ASP C 203 10.49 -33.19 11.51
CA ASP C 203 11.18 -31.93 11.68
C ASP C 203 10.40 -30.93 12.53
N PHE C 204 11.10 -29.95 13.07
CA PHE C 204 10.49 -28.94 13.94
C PHE C 204 9.96 -27.70 13.22
N HIS C 205 10.39 -27.46 11.98
CA HIS C 205 9.91 -26.29 11.23
C HIS C 205 8.43 -26.36 10.95
N ILE C 206 7.81 -25.20 10.76
CA ILE C 206 6.47 -25.10 10.24
C ILE C 206 6.60 -24.79 8.76
N TYR C 207 6.13 -25.69 7.91
CA TYR C 207 6.26 -25.48 6.48
C TYR C 207 5.06 -24.72 5.97
N VAL C 208 5.29 -23.81 5.04
CA VAL C 208 4.25 -22.92 4.56
C VAL C 208 4.05 -23.14 3.07
N TYR C 209 2.85 -23.56 2.67
CA TYR C 209 2.58 -23.87 1.27
C TYR C 209 1.44 -23.01 0.78
N ASP C 210 1.61 -22.44 -0.41
CA ASP C 210 0.54 -21.73 -1.10
C ASP C 210 -0.01 -22.65 -2.17
N LEU C 211 -1.25 -23.11 -2.00
CA LEU C 211 -1.76 -24.18 -2.86
C LEU C 211 -2.06 -23.67 -4.27
N VAL C 212 -2.02 -22.36 -4.46
CA VAL C 212 -2.18 -21.76 -5.79
C VAL C 212 -0.91 -21.95 -6.63
N LYS C 213 0.22 -22.06 -5.94
CA LYS C 213 1.53 -22.15 -6.59
C LYS C 213 1.88 -23.55 -7.09
N LYS C 214 2.72 -23.61 -8.12
CA LYS C 214 3.13 -24.89 -8.69
C LYS C 214 3.93 -25.70 -7.67
N SER C 215 4.62 -25.00 -6.77
CA SER C 215 5.45 -25.63 -5.75
C SER C 215 4.67 -26.49 -4.75
N ALA C 216 3.34 -26.47 -4.85
CA ALA C 216 2.49 -27.22 -3.95
C ALA C 216 1.89 -28.45 -4.61
N GLU C 217 2.06 -28.60 -5.92
CA GLU C 217 1.33 -29.61 -6.68
C GLU C 217 1.68 -31.05 -6.32
N ASN C 218 2.76 -31.25 -5.57
CA ASN C 218 3.20 -32.60 -5.21
C ASN C 218 2.61 -33.10 -3.89
N LEU C 219 1.85 -32.26 -3.21
CA LEU C 219 1.26 -32.65 -1.94
C LEU C 219 0.03 -33.52 -2.14
N TYR C 220 -0.04 -34.63 -1.41
CA TYR C 220 -1.25 -35.47 -1.40
C TYR C 220 -1.92 -35.45 -0.03
N PHE C 221 -3.20 -35.11 -0.01
CA PHE C 221 -3.95 -35.01 1.25
C PHE C 221 -4.88 -36.19 1.48
N GLN C 222 -5.06 -36.56 2.74
CA GLN C 222 -5.95 -37.66 3.11
C GLN C 222 -6.76 -37.33 4.37
N ARG D 3 12.15 5.45 6.72
CA ARG D 3 13.50 5.93 6.44
C ARG D 3 13.45 7.43 6.17
N ARG D 4 14.55 8.14 6.43
CA ARG D 4 14.59 9.58 6.22
C ARG D 4 14.50 9.88 4.73
N ASN D 5 13.79 10.96 4.38
CA ASN D 5 13.79 11.47 3.02
C ASN D 5 15.22 11.84 2.60
N ILE D 6 15.56 11.67 1.33
CA ILE D 6 16.84 12.20 0.88
C ILE D 6 16.73 13.13 -0.34
N VAL D 7 15.56 13.22 -0.97
CA VAL D 7 15.45 14.11 -2.12
C VAL D 7 15.63 15.54 -1.66
N GLY D 8 16.49 16.28 -2.33
CA GLY D 8 16.72 17.68 -1.98
C GLY D 8 17.70 17.87 -0.83
N CYS D 9 18.22 16.78 -0.31
CA CYS D 9 19.21 16.85 0.78
C CYS D 9 20.65 16.83 0.27
N ARG D 10 21.55 17.40 1.05
CA ARG D 10 22.98 17.16 0.86
C ARG D 10 23.33 15.80 1.43
N ILE D 11 24.17 15.04 0.71
CA ILE D 11 24.57 13.72 1.17
C ILE D 11 26.06 13.54 1.02
N SER D 12 26.59 12.57 1.73
CA SER D 12 27.97 12.15 1.58
C SER D 12 28.00 10.64 1.70
N HIS D 13 28.96 10.03 1.02
CA HIS D 13 29.15 8.60 1.11
C HIS D 13 30.52 8.24 0.59
N GLY D 14 31.00 7.08 1.03
CA GLY D 14 32.21 6.54 0.47
C GLY D 14 31.88 5.95 -0.89
N TRP D 15 32.90 5.70 -1.67
CA TRP D 15 32.72 5.11 -2.98
C TRP D 15 33.80 4.05 -3.20
N LYS D 16 33.35 2.80 -3.38
CA LYS D 16 34.27 1.69 -3.61
C LYS D 16 33.99 0.97 -4.90
N GLU D 17 34.86 1.14 -5.89
CA GLU D 17 34.71 0.36 -7.12
C GLU D 17 36.02 -0.36 -7.44
N GLY D 18 35.89 -1.66 -7.69
CA GLY D 18 37.02 -2.54 -7.91
C GLY D 18 38.00 -2.51 -6.74
N ASP D 19 39.28 -2.36 -7.03
CA ASP D 19 40.28 -2.34 -5.96
C ASP D 19 40.89 -0.98 -5.72
N GLU D 20 40.24 0.06 -6.21
CA GLU D 20 40.74 1.41 -5.95
C GLU D 20 40.50 1.76 -4.49
N PRO D 21 41.35 2.61 -3.92
CA PRO D 21 41.18 3.13 -2.56
C PRO D 21 39.82 3.82 -2.41
N ILE D 22 39.21 3.70 -1.24
CA ILE D 22 37.88 4.26 -1.01
C ILE D 22 37.95 5.77 -0.92
N THR D 23 37.10 6.44 -1.69
CA THR D 23 37.13 7.89 -1.72
C THR D 23 35.78 8.39 -1.21
N GLN D 24 35.73 9.66 -0.83
CA GLN D 24 34.52 10.28 -0.30
C GLN D 24 33.84 11.21 -1.29
N TRP D 25 32.55 11.01 -1.49
CA TRP D 25 31.77 11.87 -2.38
C TRP D 25 30.77 12.72 -1.60
N LYS D 26 30.54 13.94 -2.05
CA LYS D 26 29.50 14.80 -1.49
C LYS D 26 28.65 15.37 -2.62
N GLY D 27 27.34 15.48 -2.38
CA GLY D 27 26.48 16.05 -3.40
C GLY D 27 25.09 16.39 -2.91
N THR D 28 24.22 16.70 -3.88
CA THR D 28 22.84 17.05 -3.63
C THR D 28 21.96 16.11 -4.42
N VAL D 29 20.98 15.51 -3.74
CA VAL D 29 20.05 14.62 -4.42
C VAL D 29 18.97 15.45 -5.08
N LEU D 30 18.88 15.32 -6.40
CA LEU D 30 17.99 16.15 -7.21
C LEU D 30 16.58 15.62 -7.36
N ASP D 31 16.45 14.30 -7.41
CA ASP D 31 15.23 13.72 -7.91
C ASP D 31 15.19 12.24 -7.57
N GLN D 32 14.02 11.76 -7.23
CA GLN D 32 13.75 10.33 -7.11
C GLN D 32 12.84 9.93 -8.25
N VAL D 33 13.32 9.07 -9.14
CA VAL D 33 12.59 8.78 -10.37
C VAL D 33 11.24 8.10 -10.09
N PRO D 34 10.11 8.77 -10.46
CA PRO D 34 8.79 8.24 -10.10
C PRO D 34 8.55 6.82 -10.63
N ILE D 35 8.99 6.52 -11.84
CA ILE D 35 8.75 5.21 -12.43
C ILE D 35 9.70 4.11 -11.85
N ASN D 36 10.75 4.55 -11.16
CA ASN D 36 11.67 3.62 -10.49
C ASN D 36 12.29 4.31 -9.30
N PRO D 37 11.56 4.34 -8.17
CA PRO D 37 11.90 5.17 -7.01
C PRO D 37 13.15 4.70 -6.27
N SER D 38 13.74 3.58 -6.66
CA SER D 38 15.04 3.19 -6.13
C SER D 38 16.16 4.01 -6.79
N LEU D 39 15.83 4.64 -7.91
CA LEU D 39 16.82 5.38 -8.69
C LEU D 39 16.75 6.86 -8.38
N TYR D 40 17.89 7.44 -8.04
CA TYR D 40 18.01 8.86 -7.74
C TYR D 40 18.96 9.56 -8.71
N LEU D 41 18.65 10.81 -9.03
CA LEU D 41 19.57 11.65 -9.78
C LEU D 41 20.33 12.55 -8.81
N VAL D 42 21.64 12.59 -8.96
CA VAL D 42 22.50 13.29 -8.00
C VAL D 42 23.48 14.24 -8.70
N LYS D 43 23.62 15.44 -8.14
CA LYS D 43 24.65 16.35 -8.58
C LYS D 43 25.77 16.34 -7.54
N TYR D 44 26.91 15.77 -7.89
CA TYR D 44 28.06 15.74 -6.96
C TYR D 44 28.89 17.00 -7.08
N ASP D 45 29.41 17.47 -5.93
CA ASP D 45 30.23 18.67 -5.90
C ASP D 45 31.39 18.58 -6.89
N GLY D 46 31.52 19.57 -7.76
CA GLY D 46 32.66 19.65 -8.66
C GLY D 46 32.62 18.67 -9.82
N ILE D 47 31.48 18.00 -10.00
CA ILE D 47 31.34 17.03 -11.09
C ILE D 47 30.24 17.47 -12.03
N ASP D 48 30.56 17.69 -13.31
CA ASP D 48 29.59 18.28 -14.25
C ASP D 48 28.44 17.35 -14.64
N CYS D 49 28.72 16.05 -14.78
CA CYS D 49 27.68 15.15 -15.25
C CYS D 49 26.78 14.68 -14.11
N VAL D 50 25.49 14.62 -14.41
CA VAL D 50 24.51 14.14 -13.44
C VAL D 50 24.66 12.62 -13.27
N TYR D 51 24.60 12.16 -12.01
CA TYR D 51 24.68 10.72 -11.71
C TYR D 51 23.32 10.10 -11.47
N GLY D 52 23.08 8.95 -12.08
CA GLY D 52 21.92 8.16 -11.70
C GLY D 52 22.41 6.97 -10.90
N LEU D 53 22.03 6.93 -9.62
CA LEU D 53 22.46 5.86 -8.73
C LEU D 53 21.30 5.34 -7.91
N GLU D 54 21.25 4.02 -7.69
CA GLU D 54 20.33 3.49 -6.71
C GLU D 54 21.01 3.59 -5.36
N LEU D 55 20.87 4.77 -4.75
CA LEU D 55 21.68 5.14 -3.60
C LEU D 55 21.57 4.20 -2.41
N HIS D 56 20.42 3.54 -2.26
CA HIS D 56 20.23 2.63 -1.13
C HIS D 56 20.54 1.17 -1.48
N ARG D 57 20.86 0.89 -2.74
CA ARG D 57 21.08 -0.48 -3.18
C ARG D 57 22.47 -0.73 -3.80
N ASP D 58 23.06 0.31 -4.36
CA ASP D 58 24.34 0.19 -5.05
C ASP D 58 25.45 -0.12 -4.02
N GLU D 59 26.09 -1.27 -4.14
CA GLU D 59 27.07 -1.68 -3.13
C GLU D 59 28.36 -0.85 -3.15
N ARG D 60 28.56 -0.07 -4.21
CA ARG D 60 29.70 0.85 -4.25
C ARG D 60 29.46 2.04 -3.32
N VAL D 61 28.21 2.30 -2.98
CA VAL D 61 27.90 3.44 -2.11
C VAL D 61 28.07 3.03 -0.64
N LEU D 62 29.02 3.67 0.04
CA LEU D 62 29.36 3.30 1.41
C LEU D 62 28.99 4.30 2.49
N SER D 63 28.21 3.83 3.46
CA SER D 63 27.89 4.59 4.65
C SER D 63 27.26 5.91 4.28
N LEU D 64 26.19 5.83 3.52
CA LEU D 64 25.42 7.00 3.10
C LEU D 64 24.96 7.81 4.30
N LYS D 65 25.28 9.11 4.30
CA LYS D 65 24.83 10.01 5.35
C LYS D 65 24.14 11.25 4.78
N ILE D 66 23.10 11.71 5.47
CA ILE D 66 22.51 13.02 5.15
C ILE D 66 23.29 14.13 5.84
N LEU D 67 23.73 15.11 5.07
CA LEU D 67 24.51 16.20 5.64
C LEU D 67 23.59 17.33 6.10
N SER D 68 22.61 17.66 5.28
CA SER D 68 21.58 18.60 5.68
C SER D 68 20.26 18.27 5.01
N ASP D 69 19.17 18.70 5.64
CA ASP D 69 17.84 18.35 5.17
C ASP D 69 17.39 19.27 4.05
N ARG D 70 16.32 18.87 3.38
CA ARG D 70 15.77 19.63 2.29
C ARG D 70 15.39 21.00 2.83
N VAL D 71 15.50 22.02 2.00
CA VAL D 71 15.14 23.37 2.39
C VAL D 71 14.32 24.01 1.28
N ALA D 72 13.40 24.89 1.65
CA ALA D 72 12.50 25.47 0.67
C ALA D 72 13.20 26.58 -0.11
N ILE D 76 15.13 30.79 -9.23
CA ILE D 76 16.03 31.44 -10.19
C ILE D 76 15.92 32.96 -10.10
N SER D 77 17.06 33.64 -10.26
CA SER D 77 17.11 35.09 -10.20
C SER D 77 16.30 35.73 -11.33
N ASP D 78 16.58 35.34 -12.58
CA ASP D 78 15.88 35.94 -13.70
C ASP D 78 15.24 34.83 -14.51
N ALA D 79 13.97 34.56 -14.22
CA ALA D 79 13.23 33.50 -14.88
C ALA D 79 12.95 33.83 -16.33
N ASN D 80 12.80 35.12 -16.63
CA ASN D 80 12.58 35.49 -18.02
C ASN D 80 13.80 35.17 -18.87
N LEU D 81 14.98 35.49 -18.36
CA LEU D 81 16.21 35.20 -19.09
C LEU D 81 16.38 33.68 -19.21
N ALA D 82 16.10 32.97 -18.12
CA ALA D 82 16.17 31.51 -18.14
C ALA D 82 15.27 30.95 -19.23
N ASN D 83 14.09 31.53 -19.40
CA ASN D 83 13.20 31.01 -20.42
C ASN D 83 13.67 31.29 -21.83
N THR D 84 14.59 32.23 -22.00
CA THR D 84 15.10 32.50 -23.33
C THR D 84 16.07 31.40 -23.73
N ILE D 85 16.63 30.67 -22.76
CA ILE D 85 17.57 29.61 -23.14
C ILE D 85 17.00 28.19 -23.03
N ILE D 86 16.01 27.99 -22.16
CA ILE D 86 15.41 26.66 -22.00
C ILE D 86 14.75 26.19 -23.27
N GLY D 87 15.14 25.00 -23.73
CA GLY D 87 14.61 24.43 -24.95
C GLY D 87 15.34 24.84 -26.21
N LYS D 88 16.38 25.66 -26.07
CA LYS D 88 17.09 26.20 -27.22
C LYS D 88 18.34 25.40 -27.55
N ALA D 89 18.61 25.24 -28.83
CA ALA D 89 19.91 24.78 -29.26
C ALA D 89 20.94 25.89 -28.96
N VAL D 90 22.12 25.49 -28.48
CA VAL D 90 23.15 26.47 -28.13
C VAL D 90 24.54 26.04 -28.60
N GLU D 91 25.43 27.01 -28.75
CA GLU D 91 26.87 26.76 -28.80
C GLU D 91 27.44 27.15 -27.45
N HIS D 92 27.98 26.16 -26.76
CA HIS D 92 28.48 26.34 -25.40
C HIS D 92 30.00 26.34 -25.43
N MET D 93 30.61 27.46 -25.06
CA MET D 93 32.06 27.63 -25.16
C MET D 93 32.76 27.09 -23.92
N PHE D 94 33.77 26.26 -24.15
CA PHE D 94 34.68 25.78 -23.13
C PHE D 94 36.07 26.19 -23.58
N GLU D 95 37.06 26.07 -22.69
CA GLU D 95 38.43 26.37 -23.06
C GLU D 95 39.25 25.12 -23.32
N GLY D 96 39.98 25.13 -24.42
CA GLY D 96 40.94 24.10 -24.74
C GLY D 96 42.30 24.50 -24.20
N GLU D 97 43.35 24.10 -24.90
CA GLU D 97 44.71 24.42 -24.49
C GLU D 97 44.93 25.94 -24.50
N HIS D 98 45.60 26.42 -23.47
CA HIS D 98 45.92 27.84 -23.24
C HIS D 98 44.81 28.83 -23.61
N GLY D 99 43.57 28.46 -23.30
CA GLY D 99 42.46 29.38 -23.43
C GLY D 99 41.76 29.32 -24.77
N SER D 100 42.25 28.45 -25.66
CA SER D 100 41.72 28.40 -27.01
C SER D 100 40.26 27.94 -26.98
N LYS D 101 39.56 28.07 -28.10
CA LYS D 101 38.17 27.70 -28.11
C LYS D 101 37.98 26.18 -28.13
N ASP D 102 37.00 25.73 -27.36
CA ASP D 102 36.55 24.33 -27.33
C ASP D 102 35.04 24.42 -27.26
N GLU D 103 34.45 24.76 -28.39
CA GLU D 103 32.99 24.95 -28.55
C GLU D 103 32.17 23.68 -28.81
N TRP D 104 31.19 23.45 -27.94
CA TRP D 104 30.27 22.31 -28.04
C TRP D 104 28.82 22.64 -28.41
N ARG D 105 28.32 22.06 -29.50
CA ARG D 105 26.91 22.24 -29.85
C ARG D 105 26.02 21.45 -28.89
N GLY D 106 24.97 22.07 -28.36
CA GLY D 106 24.14 21.40 -27.38
C GLY D 106 22.70 21.88 -27.34
N MET D 107 22.00 21.44 -26.31
CA MET D 107 20.59 21.75 -26.12
C MET D 107 20.29 21.97 -24.64
N VAL D 108 19.78 23.14 -24.28
CA VAL D 108 19.38 23.42 -22.89
C VAL D 108 18.02 22.78 -22.67
N LEU D 109 17.90 21.95 -21.64
CA LEU D 109 16.73 21.08 -21.49
C LEU D 109 15.72 21.61 -20.48
N ALA D 110 16.20 22.15 -19.37
CA ALA D 110 15.33 22.50 -18.25
C ALA D 110 16.14 23.19 -17.18
N GLN D 111 15.47 23.87 -16.26
CA GLN D 111 16.11 24.15 -14.97
C GLN D 111 16.17 22.84 -14.21
N ALA D 112 17.26 22.61 -13.51
CA ALA D 112 17.37 21.42 -12.67
C ALA D 112 16.38 21.50 -11.52
N PRO D 113 15.89 20.33 -11.05
CA PRO D 113 15.17 20.29 -9.77
C PRO D 113 16.09 20.68 -8.62
N ILE D 114 15.51 21.22 -7.55
CA ILE D 114 16.21 21.55 -6.29
C ILE D 114 17.21 22.70 -6.44
N MET D 115 18.20 22.51 -7.30
CA MET D 115 19.22 23.52 -7.54
C MET D 115 18.77 24.42 -8.68
N LYS D 116 17.82 25.30 -8.40
CA LYS D 116 17.10 25.98 -9.48
C LYS D 116 17.90 26.99 -10.31
N ALA D 117 19.05 27.43 -9.81
CA ALA D 117 19.95 28.27 -10.59
C ALA D 117 20.76 27.45 -11.61
N TRP D 118 20.63 26.13 -11.53
CA TRP D 118 21.38 25.25 -12.43
C TRP D 118 20.48 24.76 -13.55
N PHE D 119 21.08 24.45 -14.70
CA PHE D 119 20.33 23.98 -15.86
C PHE D 119 20.78 22.60 -16.30
N TYR D 120 19.82 21.77 -16.70
CA TYR D 120 20.10 20.55 -17.45
C TYR D 120 20.52 20.90 -18.88
N ILE D 121 21.61 20.31 -19.37
CA ILE D 121 22.03 20.51 -20.76
C ILE D 121 22.69 19.23 -21.27
N THR D 122 22.53 18.97 -22.56
CA THR D 122 23.20 17.84 -23.20
C THR D 122 23.82 18.32 -24.52
N TYR D 123 24.62 17.46 -25.16
CA TYR D 123 25.45 17.87 -26.28
C TYR D 123 25.31 16.88 -27.41
N GLU D 124 25.29 17.38 -28.63
CA GLU D 124 25.12 16.50 -29.79
C GLU D 124 26.25 15.46 -29.87
N LYS D 125 27.47 15.85 -29.54
CA LYS D 125 28.60 14.92 -29.62
C LYS D 125 28.84 14.14 -28.31
N ASP D 126 28.03 14.43 -27.30
CA ASP D 126 28.12 13.79 -26.00
C ASP D 126 26.75 13.81 -25.32
N PRO D 127 25.86 12.91 -25.74
CA PRO D 127 24.45 13.03 -25.36
C PRO D 127 24.15 12.44 -23.98
N VAL D 128 24.87 12.92 -22.96
CA VAL D 128 24.50 12.60 -21.58
C VAL D 128 24.16 13.89 -20.85
N LEU D 129 23.66 13.76 -19.62
CA LEU D 129 23.07 14.88 -18.88
C LEU D 129 24.13 15.64 -18.08
N TYR D 130 24.26 16.95 -18.32
CA TYR D 130 25.16 17.79 -17.55
C TYR D 130 24.36 18.86 -16.83
N MET D 131 24.99 19.47 -15.82
CA MET D 131 24.41 20.59 -15.08
C MET D 131 25.42 21.73 -14.92
N TYR D 132 25.00 22.94 -15.30
CA TYR D 132 25.79 24.15 -15.10
C TYR D 132 24.90 25.32 -14.72
N GLN D 133 25.48 26.32 -14.06
CA GLN D 133 24.78 27.60 -13.88
C GLN D 133 24.92 28.41 -15.16
N LEU D 134 24.13 28.06 -16.17
CA LEU D 134 24.32 28.56 -17.53
C LEU D 134 24.05 30.06 -17.69
N LEU D 135 23.36 30.68 -16.73
CA LEU D 135 23.14 32.10 -16.86
C LEU D 135 24.46 32.83 -16.66
N ASP D 136 25.37 32.21 -15.91
CA ASP D 136 26.71 32.76 -15.76
C ASP D 136 27.44 32.68 -17.10
N ASP D 137 27.40 31.51 -17.75
CA ASP D 137 27.99 31.36 -19.07
C ASP D 137 27.41 32.36 -20.05
N TYR D 138 26.09 32.49 -20.01
CA TYR D 138 25.39 33.41 -20.90
C TYR D 138 25.84 34.85 -20.70
N LYS D 139 25.87 35.28 -19.44
CA LYS D 139 26.28 36.64 -19.12
C LYS D 139 27.71 36.94 -19.55
N GLU D 140 28.57 35.93 -19.54
CA GLU D 140 29.97 36.12 -19.88
C GLU D 140 30.24 35.98 -21.39
N GLY D 141 29.20 35.69 -22.17
CA GLY D 141 29.33 35.55 -23.60
C GLY D 141 29.71 34.15 -24.07
N ASP D 142 29.70 33.18 -23.17
CA ASP D 142 30.15 31.83 -23.49
C ASP D 142 29.00 30.87 -23.85
N LEU D 143 27.79 31.39 -23.98
CA LEU D 143 26.67 30.55 -24.38
C LEU D 143 25.87 31.31 -25.42
N ARG D 144 25.87 30.81 -26.65
CA ARG D 144 25.20 31.53 -27.73
C ARG D 144 23.99 30.75 -28.17
N ILE D 145 22.85 31.43 -28.22
CA ILE D 145 21.62 30.77 -28.61
C ILE D 145 21.56 30.65 -30.13
N MET D 146 21.33 29.42 -30.60
CA MET D 146 21.19 29.10 -32.02
C MET D 146 19.80 29.39 -32.58
N PRO D 147 19.74 29.89 -33.83
CA PRO D 147 18.48 30.13 -34.54
C PRO D 147 17.74 28.84 -34.89
N GLY D 161 8.08 13.60 -32.62
CA GLY D 161 8.73 12.38 -32.16
C GLY D 161 8.29 12.01 -30.76
N VAL D 162 7.18 12.59 -30.32
CA VAL D 162 6.57 12.27 -29.04
C VAL D 162 5.91 10.89 -29.12
N VAL D 163 6.12 10.06 -28.09
CA VAL D 163 5.61 8.69 -28.05
C VAL D 163 4.68 8.45 -26.86
N ASP D 164 3.48 7.96 -27.12
CA ASP D 164 2.55 7.72 -26.01
C ASP D 164 3.07 6.62 -25.07
N GLY D 165 2.99 6.88 -23.77
CA GLY D 165 3.23 5.85 -22.77
C GLY D 165 4.66 5.36 -22.64
N LEU D 166 5.65 6.18 -22.99
CA LEU D 166 7.02 5.68 -23.04
C LEU D 166 7.72 5.62 -21.68
N ILE D 167 7.26 6.40 -20.70
CA ILE D 167 7.98 6.42 -19.43
C ILE D 167 7.86 5.06 -18.71
N GLY D 168 9.01 4.49 -18.35
CA GLY D 168 9.05 3.19 -17.72
C GLY D 168 9.32 2.05 -18.68
N LYS D 169 9.26 2.33 -19.97
CA LYS D 169 9.50 1.28 -20.98
C LYS D 169 10.96 0.86 -20.98
N HIS D 170 11.19 -0.43 -21.18
CA HIS D 170 12.54 -0.93 -21.33
C HIS D 170 13.04 -0.63 -22.73
N VAL D 171 14.33 -0.35 -22.84
CA VAL D 171 14.89 0.02 -24.13
C VAL D 171 16.20 -0.73 -24.31
N GLU D 172 16.47 -1.10 -25.56
CA GLU D 172 17.72 -1.73 -25.95
C GLU D 172 18.23 -1.14 -27.24
N TYR D 173 19.55 -1.15 -27.41
CA TYR D 173 20.13 -0.93 -28.72
C TYR D 173 21.28 -1.91 -28.88
N THR D 174 21.49 -2.40 -30.10
CA THR D 174 22.56 -3.35 -30.35
C THR D 174 23.91 -2.64 -30.32
N LYS D 175 24.81 -3.11 -29.46
CA LYS D 175 26.14 -2.53 -29.35
C LYS D 175 27.02 -3.01 -30.50
N GLU D 176 28.10 -2.27 -30.77
CA GLU D 176 29.02 -2.60 -31.86
C GLU D 176 29.69 -3.96 -31.65
N ASP D 177 29.75 -4.42 -30.40
CA ASP D 177 30.30 -5.73 -30.09
C ASP D 177 29.28 -6.84 -30.35
N GLY D 178 28.03 -6.45 -30.65
CA GLY D 178 27.00 -7.40 -31.04
C GLY D 178 25.94 -7.69 -29.99
N SER D 179 26.22 -7.36 -28.73
CA SER D 179 25.28 -7.64 -27.66
C SER D 179 24.41 -6.43 -27.34
N LYS D 180 23.41 -6.64 -26.50
CA LYS D 180 22.39 -5.63 -26.25
C LYS D 180 22.72 -4.79 -25.02
N ARG D 181 22.57 -3.47 -25.16
CA ARG D 181 22.64 -2.59 -24.00
C ARG D 181 21.23 -2.38 -23.50
N ILE D 182 21.00 -2.67 -22.22
CA ILE D 182 19.64 -2.67 -21.67
C ILE D 182 19.45 -1.50 -20.73
N GLY D 183 18.32 -0.81 -20.85
CA GLY D 183 18.03 0.33 -20.01
C GLY D 183 16.54 0.60 -19.89
N MET D 184 16.20 1.75 -19.32
CA MET D 184 14.81 2.12 -19.12
C MET D 184 14.63 3.62 -19.38
N VAL D 185 13.52 3.97 -20.00
CA VAL D 185 13.15 5.38 -20.18
C VAL D 185 12.64 5.91 -18.84
N ILE D 186 13.26 6.96 -18.32
CA ILE D 186 12.91 7.42 -16.97
C ILE D 186 12.28 8.80 -16.90
N HIS D 187 12.38 9.57 -17.97
CA HIS D 187 11.89 10.94 -17.91
C HIS D 187 11.67 11.50 -19.31
N GLN D 188 10.70 12.41 -19.44
CA GLN D 188 10.48 13.18 -20.66
C GLN D 188 10.72 14.66 -20.37
N VAL D 189 11.38 15.34 -21.28
CA VAL D 189 11.72 16.75 -21.08
C VAL D 189 10.53 17.63 -21.48
N GLU D 190 10.03 18.46 -20.57
CA GLU D 190 8.82 19.24 -20.87
C GLU D 190 9.01 20.23 -22.03
N ALA D 191 10.12 20.95 -22.04
CA ALA D 191 10.35 22.00 -23.04
C ALA D 191 10.57 21.45 -24.43
N LYS D 192 10.93 20.17 -24.49
CA LYS D 192 11.18 19.48 -25.76
C LYS D 192 10.75 18.02 -25.63
N PRO D 193 9.44 17.76 -25.80
CA PRO D 193 8.83 16.47 -25.42
C PRO D 193 9.20 15.28 -26.31
N SER D 194 9.98 15.49 -27.37
CA SER D 194 10.54 14.36 -28.11
C SER D 194 11.84 13.90 -27.48
N VAL D 195 12.28 14.61 -26.44
CA VAL D 195 13.52 14.29 -25.77
C VAL D 195 13.25 13.53 -24.47
N TYR D 196 13.92 12.40 -24.31
CA TYR D 196 13.77 11.55 -23.15
C TYR D 196 15.10 11.25 -22.49
N PHE D 197 15.03 10.99 -21.20
CA PHE D 197 16.17 10.47 -20.42
C PHE D 197 16.11 8.95 -20.34
N ILE D 198 17.24 8.30 -20.61
CA ILE D 198 17.34 6.85 -20.49
C ILE D 198 18.44 6.52 -19.50
N LYS D 199 18.17 5.59 -18.59
CA LYS D 199 19.20 5.06 -17.70
C LYS D 199 19.53 3.64 -18.14
N PHE D 200 20.78 3.42 -18.52
CA PHE D 200 21.23 2.06 -18.86
C PHE D 200 21.78 1.36 -17.62
N ASP D 201 21.59 0.05 -17.56
CA ASP D 201 21.99 -0.73 -16.38
C ASP D 201 23.49 -0.65 -16.14
N ASP D 202 24.28 -0.49 -17.20
CA ASP D 202 25.72 -0.64 -17.06
C ASP D 202 26.48 0.66 -16.76
N ASP D 203 25.75 1.74 -16.49
CA ASP D 203 26.43 3.02 -16.35
C ASP D 203 25.67 4.00 -15.49
N PHE D 204 26.38 4.96 -14.90
CA PHE D 204 25.77 5.95 -14.03
C PHE D 204 25.25 7.19 -14.77
N HIS D 205 25.65 7.40 -16.02
CA HIS D 205 25.18 8.58 -16.77
C HIS D 205 23.70 8.52 -17.05
N ILE D 206 23.11 9.68 -17.25
CA ILE D 206 21.76 9.77 -17.77
C ILE D 206 21.88 10.10 -19.24
N TYR D 207 21.38 9.21 -20.08
CA TYR D 207 21.54 9.39 -21.52
C TYR D 207 20.34 10.17 -22.03
N VAL D 208 20.61 11.06 -22.98
CA VAL D 208 19.55 11.94 -23.48
C VAL D 208 19.38 11.68 -24.97
N TYR D 209 18.15 11.31 -25.36
CA TYR D 209 17.88 11.01 -26.76
C TYR D 209 16.75 11.87 -27.27
N ASP D 210 16.90 12.39 -28.49
CA ASP D 210 15.83 13.13 -29.14
C ASP D 210 15.27 12.22 -30.23
N LEU D 211 14.04 11.78 -30.04
CA LEU D 211 13.50 10.71 -30.87
C LEU D 211 13.17 11.17 -32.29
N VAL D 212 13.17 12.48 -32.53
CA VAL D 212 12.98 12.98 -33.90
C VAL D 212 14.28 12.87 -34.70
N LYS D 213 15.39 12.69 -33.99
CA LYS D 213 16.69 12.67 -34.66
C LYS D 213 17.10 11.27 -35.10
N LYS D 214 17.91 11.22 -36.14
CA LYS D 214 18.37 9.97 -36.71
C LYS D 214 19.21 9.18 -35.70
N SER D 215 19.87 9.88 -34.79
CA SER D 215 20.70 9.23 -33.77
C SER D 215 19.94 8.35 -32.77
N ALA D 216 18.61 8.30 -32.89
CA ALA D 216 17.81 7.51 -31.96
C ALA D 216 17.15 6.29 -32.62
N GLU D 217 17.32 6.14 -33.94
CA GLU D 217 16.60 5.11 -34.69
C GLU D 217 16.91 3.67 -34.24
N ASN D 218 18.06 3.48 -33.63
CA ASN D 218 18.51 2.16 -33.22
C ASN D 218 17.90 1.68 -31.90
N LEU D 219 17.09 2.53 -31.28
CA LEU D 219 16.49 2.23 -30.00
C LEU D 219 15.24 1.37 -30.14
N TYR D 220 15.21 0.26 -29.41
CA TYR D 220 14.06 -0.64 -29.39
C TYR D 220 13.35 -0.59 -28.04
N PHE D 221 12.06 -0.28 -28.06
CA PHE D 221 11.27 -0.16 -26.84
C PHE D 221 10.37 -1.36 -26.58
N GLN D 222 10.07 -1.61 -25.31
CA GLN D 222 9.08 -2.62 -24.93
C GLN D 222 8.57 -2.42 -23.51
N ALA E 1 -29.88 5.66 16.79
CA ALA E 1 -29.11 4.41 16.95
C ALA E 1 -29.82 3.31 16.20
N ARG E 2 -29.21 2.12 16.17
CA ARG E 2 -29.80 0.96 15.51
C ARG E 2 -31.06 0.53 16.20
N THR E 3 -31.94 -0.13 15.45
CA THR E 3 -33.11 -0.76 16.04
C THR E 3 -32.86 -2.24 16.28
N M3L E 4 -33.17 -2.73 17.47
CA M3L E 4 -33.06 -4.13 17.78
CB M3L E 4 -33.43 -4.50 19.23
CG M3L E 4 -32.24 -4.44 20.14
CD M3L E 4 -31.16 -5.43 19.70
CE M3L E 4 -30.24 -5.55 20.89
NZ M3L E 4 -29.06 -6.49 20.87
C M3L E 4 -34.02 -4.94 16.94
O M3L E 4 -35.19 -4.59 16.74
CM1 M3L E 4 -28.58 -6.79 19.49
CM2 M3L E 4 -29.35 -7.77 21.59
CM3 M3L E 4 -28.00 -5.73 21.58
N GLN E 5 -33.52 -6.04 16.41
CA GLN E 5 -34.35 -6.89 15.58
C GLN E 5 -35.20 -7.83 16.42
N THR E 6 -36.38 -8.16 15.91
CA THR E 6 -37.21 -9.20 16.48
C THR E 6 -36.57 -10.54 16.12
N ALA E 7 -36.73 -11.54 16.97
CA ALA E 7 -36.33 -12.89 16.60
C ALA E 7 -37.10 -13.33 15.36
N 2MR E 8 -36.57 -14.29 14.62
N 2MR E 8 -35.59 -15.29 13.46
CA 2MR E 8 -37.23 -14.75 13.41
CA 2MR E 8 -36.85 -15.35 12.74
CB 2MR E 8 -36.71 -14.19 12.07
CB 2MR E 8 -36.92 -14.60 11.40
CG 2MR E 8 -35.34 -14.73 11.73
CG 2MR E 8 -35.55 -14.41 10.80
CD 2MR E 8 -35.38 -15.42 10.35
CD 2MR E 8 -35.03 -15.76 10.29
NE 2MR E 8 -34.09 -15.44 9.69
NE 2MR E 8 -33.80 -15.64 9.54
CZ 2MR E 8 -33.82 -15.01 8.33
CZ 2MR E 8 -33.65 -15.04 8.24
NH1 2MR E 8 -35.01 -14.51 7.64
NH1 2MR E 8 -32.32 -15.03 7.66
CQ1 2MR E 8 -35.22 -13.99 6.31
CQ1 2MR E 8 -31.20 -15.59 8.37
NH2 2MR E 8 -32.59 -15.07 7.80
NH2 2MR E 8 -34.62 -14.50 7.52
CQ2 2MR E 8 -32.04 -14.71 6.53
CQ2 2MR E 8 -34.48 -13.92 6.23
C 2MR E 8 -37.18 -16.28 13.31
C 2MR E 8 -37.26 -16.79 12.48
O 2MR E 8 -37.92 -17.04 12.70
O 2MR E 8 -38.26 -17.40 12.88
N ALA F 1 36.16 30.92 -19.80
CA ALA F 1 35.16 29.87 -19.96
C ALA F 1 35.54 28.65 -19.14
N ARG F 2 34.60 27.72 -18.99
CA ARG F 2 34.84 26.47 -18.28
C ARG F 2 35.73 25.53 -19.09
N THR F 3 36.27 24.53 -18.43
CA THR F 3 37.09 23.51 -19.08
C THR F 3 36.41 22.17 -18.95
N M3L F 4 36.33 21.41 -20.05
CA M3L F 4 35.72 20.11 -19.97
CB M3L F 4 35.59 19.34 -21.30
CG M3L F 4 34.79 20.05 -22.37
CD M3L F 4 33.29 20.06 -22.08
CE M3L F 4 32.66 18.70 -22.43
NZ M3L F 4 31.14 18.62 -22.35
C M3L F 4 36.51 19.20 -19.03
O M3L F 4 37.75 19.25 -18.93
CM1 M3L F 4 30.60 18.88 -20.98
CM2 M3L F 4 30.65 17.28 -22.79
CM3 M3L F 4 30.58 19.64 -23.29
N GLN F 5 35.76 18.35 -18.35
CA GLN F 5 36.31 17.40 -17.36
C GLN F 5 36.45 16.03 -17.96
N THR F 6 37.36 15.23 -17.43
CA THR F 6 37.25 13.81 -17.73
C THR F 6 36.85 13.05 -16.47
N ALA F 7 36.96 11.72 -16.51
CA ALA F 7 36.71 10.91 -15.34
C ALA F 7 37.73 11.27 -14.27
N 2MR F 8 37.37 11.04 -13.01
N 2MR F 8 37.11 10.54 -11.49
CA 2MR F 8 38.20 11.41 -11.88
CA 2MR F 8 38.33 11.15 -11.00
CB 2MR F 8 37.66 11.08 -10.47
CB 2MR F 8 38.36 11.39 -9.49
CG 2MR F 8 36.72 12.16 -9.96
CG 2MR F 8 37.04 12.00 -9.06
CD 2MR F 8 36.32 11.86 -8.51
CD 2MR F 8 36.55 11.37 -7.75
NE 2MR F 8 35.01 12.34 -8.10
NE 2MR F 8 35.24 11.88 -7.37
CZ 2MR F 8 33.77 11.74 -8.53
CZ 2MR F 8 34.04 11.68 -8.15
NH1 2MR F 8 32.55 12.15 -8.18
NH1 2MR F 8 34.01 11.02 -9.28
CQ1 2MR F 8 31.22 11.70 -8.50
CQ1 2MR F 8 32.83 10.84 -10.00
NH2 2MR F 8 34.08 10.63 -9.41
NH2 2MR F 8 32.76 12.22 -7.72
CQ2 2MR F 8 33.30 9.69 -10.13
CQ2 2MR F 8 32.57 12.99 -6.53
C 2MR F 8 39.58 10.79 -11.95
C 2MR F 8 39.53 10.31 -11.39
O 2MR F 8 39.90 9.63 -12.20
O 2MR F 8 39.63 9.53 -12.35
N ALA G 1 20.89 -3.95 8.20
CA ALA G 1 19.85 -4.96 8.05
C ALA G 1 20.25 -6.22 8.83
N ARG G 2 19.31 -7.16 8.96
CA ARG G 2 19.56 -8.42 9.68
C ARG G 2 20.45 -9.32 8.87
N THR G 3 21.01 -10.34 9.53
CA THR G 3 21.83 -11.35 8.86
C THR G 3 21.14 -12.68 8.98
N M3L G 4 21.05 -13.44 7.89
CA M3L G 4 20.46 -14.76 7.95
CB M3L G 4 20.34 -15.47 6.57
CG M3L G 4 19.49 -14.74 5.55
CD M3L G 4 17.98 -14.71 5.85
CE M3L G 4 17.37 -16.07 5.54
NZ M3L G 4 15.85 -16.19 5.62
C M3L G 4 21.23 -15.67 8.91
O M3L G 4 22.46 -15.63 9.05
CM1 M3L G 4 15.32 -15.87 6.98
CM2 M3L G 4 15.42 -17.57 5.24
CM3 M3L G 4 15.25 -15.22 4.64
N GLN G 5 20.46 -16.50 9.60
CA GLN G 5 20.98 -17.42 10.62
C GLN G 5 21.22 -18.80 10.06
N THR G 6 22.23 -19.45 10.60
CA THR G 6 22.52 -20.82 10.33
C THR G 6 21.84 -21.65 11.43
N ALA G 7 21.78 -22.97 11.29
CA ALA G 7 21.40 -23.81 12.41
C ALA G 7 22.38 -23.62 13.58
N 2MR G 8 21.96 -23.95 14.79
N 2MR G 8 21.75 -24.47 16.34
CA 2MR G 8 22.82 -23.80 15.94
CA 2MR G 8 22.93 -23.81 16.88
CB 2MR G 8 22.22 -24.17 17.31
CB 2MR G 8 22.88 -23.49 18.38
CG 2MR G 8 21.49 -23.01 17.98
CG 2MR G 8 21.56 -22.82 18.71
CD 2MR G 8 21.11 -23.49 19.37
CD 2MR G 8 20.83 -23.60 19.82
NE 2MR G 8 19.84 -23.01 19.90
NE 2MR G 8 19.48 -23.12 20.09
CZ 2MR G 8 18.43 -23.29 19.60
CZ 2MR G 8 18.17 -23.40 19.50
NH1 2MR G 8 17.45 -22.70 20.27
NH1 2MR G 8 17.05 -22.84 19.92
CQ1 2MR G 8 17.61 -21.75 21.32
CQ1 2MR G 8 15.77 -23.10 19.37
NH2 2MR G 8 17.96 -24.21 18.59
NH2 2MR G 8 17.93 -24.32 18.40
CQ2 2MR G 8 18.69 -25.05 17.67
CQ2 2MR G 8 18.84 -25.12 17.66
C 2MR G 8 24.07 -24.66 15.80
C 2MR G 8 24.18 -24.67 16.60
O 2MR G 8 25.15 -24.59 16.40
O 2MR G 8 24.36 -25.47 15.68
N ALA H 1 -14.40 40.60 -11.14
CA ALA H 1 -13.75 39.29 -10.97
C ALA H 1 -14.48 38.20 -11.74
N ARG H 2 -13.87 37.02 -11.78
CA ARG H 2 -14.48 35.86 -12.41
C ARG H 2 -15.75 35.41 -11.72
N THR H 3 -16.61 34.77 -12.49
CA THR H 3 -17.81 34.15 -11.96
C THR H 3 -17.52 32.68 -11.68
N M3L H 4 -17.83 32.21 -10.47
CA M3L H 4 -17.70 30.81 -10.13
CB M3L H 4 -18.00 30.45 -8.67
CG M3L H 4 -16.78 30.47 -7.78
CD M3L H 4 -15.72 29.48 -8.22
CE M3L H 4 -15.11 28.88 -6.97
NZ M3L H 4 -13.75 28.21 -7.04
C M3L H 4 -18.67 29.98 -10.96
O M3L H 4 -19.85 30.28 -11.12
CM1 M3L H 4 -13.28 28.03 -8.44
CM2 M3L H 4 -13.77 26.91 -6.31
CM3 M3L H 4 -12.79 29.13 -6.36
N GLN H 5 -18.15 28.88 -11.50
CA GLN H 5 -18.99 27.99 -12.30
C GLN H 5 -19.74 27.02 -11.42
N THR H 6 -20.92 26.64 -11.88
CA THR H 6 -21.71 25.62 -11.22
C THR H 6 -21.06 24.26 -11.42
N ALA H 7 -21.65 23.24 -10.80
CA ALA H 7 -21.28 21.87 -11.11
C ALA H 7 -22.12 21.38 -12.28
C1 EDO I . -32.13 -2.91 27.60
O1 EDO I . -32.87 -3.88 28.36
C2 EDO I . -30.64 -3.29 27.62
O2 EDO I . -30.13 -3.32 28.95
C1 EDO J . -25.68 3.29 13.89
O1 EDO J . -25.22 4.07 15.00
C2 EDO J . -24.89 3.67 12.64
O2 EDO J . -25.46 3.01 11.51
N 2MR K . -20.20 19.33 -14.02
CA 2MR K . -21.29 19.65 -14.92
CB 2MR K . -20.98 20.64 -16.07
CG 2MR K . -19.52 20.59 -16.45
CD 2MR K . -19.31 19.45 -17.44
NE 2MR K . -19.26 19.93 -18.80
CZ 2MR K . -18.08 19.94 -19.62
NH1 2MR K . -18.08 20.41 -20.88
CQ1 2MR K . -17.08 20.53 -21.89
NH2 2MR K . -16.92 19.40 -18.93
CQ2 2MR K . -15.57 19.20 -19.34
C 2MR K . -21.87 18.38 -15.53
O 2MR K . -22.69 17.60 -15.05
C1 EDO L . -16.95 31.93 -0.25
O1 EDO L . -17.68 30.91 0.44
C2 EDO L . -15.48 31.55 -0.33
O2 EDO L . -14.86 31.56 0.96
C1 EDO M . -21.41 39.67 -7.73
O1 EDO M . -22.75 39.18 -7.76
C2 EDO M . -21.41 41.19 -7.81
O2 EDO M . -20.06 41.67 -7.80
C1 EDO N . -9.92 38.10 -14.05
O1 EDO N . -9.94 39.14 -13.07
C2 EDO N . -9.86 38.71 -15.44
O2 EDO N . -10.12 37.69 -16.41
C1 EDO O . 19.50 2.00 -12.20
O1 EDO O . 18.09 1.77 -12.04
C2 EDO O . 20.11 0.90 -13.05
O2 EDO O . 19.64 0.99 -14.40
#